data_4WU0
#
_entry.id   4WU0
#
_cell.length_a   53.291
_cell.length_b   93.601
_cell.length_c   156.717
_cell.angle_alpha   90.00
_cell.angle_beta   90.00
_cell.angle_gamma   90.00
#
_symmetry.space_group_name_H-M   'P 21 21 21'
#
loop_
_entity.id
_entity.type
_entity.pdbx_description
1 polymer 'Similar to yteR (Bacilus subtilis)'
2 water water
#
_entity_poly.entity_id   1
_entity_poly.type   'polypeptide(L)'
_entity_poly.pdbx_seq_one_letter_code
;MQKYSKLMADSIIAKNITLTDHWGYEYGLTLDGIAKVYEWTKDKKYLDFIIKTMDTFINEDGTINGYKLEEYNIDHLNNG
KILITLFKETGKEKYRKALINLRKQIDNHPRTKENVFWHKNIYPHQIWLDGLYMGATFYAKYVKEFGEEKEFDDITHQFI
ITEKNLKDNKTGLLYHAYDESKTEPWSNSETGLSPHFWGRAMGWYVMALADTIEVLPKNHKDRNALIKILNNCVTALLKV
QDNASKVWYQVLDEGERKGNYLEASGSSMIVYALLKGVRLGYLPESLKETAKEAYKGLINEFILETKDGLINLNKICYVA
GLGGKDKRDGSFAYYISEPIVSNEPKGLGPFLLASYEYETL
;
_entity_poly.pdbx_strand_id   A,B
#
# COMPACT_ATOMS: atom_id res chain seq x y z
N GLN A 2 -4.47 -2.63 -29.49
CA GLN A 2 -5.07 -3.38 -28.38
C GLN A 2 -5.96 -2.45 -27.54
N LYS A 3 -7.24 -2.81 -27.37
CA LYS A 3 -8.19 -1.93 -26.69
C LYS A 3 -8.20 -2.25 -25.21
N TYR A 4 -7.50 -1.41 -24.46
CA TYR A 4 -7.38 -1.62 -23.03
C TYR A 4 -8.68 -1.42 -22.27
N SER A 5 -9.66 -0.72 -22.84
CA SER A 5 -10.91 -0.54 -22.09
C SER A 5 -11.57 -1.91 -21.84
N LYS A 6 -11.65 -2.71 -22.89
CA LYS A 6 -12.24 -4.05 -22.78
C LYS A 6 -11.34 -5.00 -21.99
N LEU A 7 -10.04 -4.95 -22.25
CA LEU A 7 -9.11 -5.83 -21.56
C LEU A 7 -9.17 -5.57 -20.06
N MET A 8 -9.19 -4.30 -19.65
CA MET A 8 -9.29 -4.00 -18.24
C MET A 8 -10.64 -4.39 -17.65
N ALA A 9 -11.72 -4.11 -18.38
CA ALA A 9 -13.06 -4.51 -17.91
C ALA A 9 -13.10 -6.01 -17.68
N ASP A 10 -12.57 -6.77 -18.63
CA ASP A 10 -12.55 -8.23 -18.51
C ASP A 10 -11.68 -8.65 -17.31
N SER A 11 -10.60 -7.91 -17.07
CA SER A 11 -9.73 -8.21 -15.92
C SER A 11 -10.44 -7.96 -14.59
N ILE A 12 -11.16 -6.85 -14.51
CA ILE A 12 -11.87 -6.50 -13.29
C ILE A 12 -12.91 -7.57 -12.96
N ILE A 13 -13.64 -8.01 -13.98
CA ILE A 13 -14.70 -8.99 -13.80
C ILE A 13 -14.10 -10.34 -13.40
N ALA A 14 -13.07 -10.78 -14.13
CA ALA A 14 -12.46 -12.09 -13.86
C ALA A 14 -11.73 -12.15 -12.51
N LYS A 15 -11.13 -11.04 -12.09
CA LYS A 15 -10.38 -11.00 -10.85
C LYS A 15 -11.32 -10.77 -9.67
N ASN A 16 -12.60 -10.58 -9.98
CA ASN A 16 -13.66 -10.31 -8.99
C ASN A 16 -13.29 -9.21 -7.99
N ILE A 17 -12.86 -8.09 -8.53
CA ILE A 17 -12.52 -6.93 -7.72
C ILE A 17 -13.74 -6.52 -6.91
N THR A 18 -13.54 -6.25 -5.63
CA THR A 18 -14.63 -5.90 -4.73
C THR A 18 -15.23 -4.53 -5.09
N LEU A 19 -16.52 -4.53 -5.36
CA LEU A 19 -17.25 -3.32 -5.66
C LEU A 19 -18.54 -3.23 -4.86
N THR A 20 -18.66 -4.06 -3.82
CA THR A 20 -19.95 -4.28 -3.15
C THR A 20 -19.93 -4.22 -1.62
N ASP A 21 -18.83 -3.80 -1.00
CA ASP A 21 -18.68 -3.90 0.45
C ASP A 21 -19.09 -2.66 1.23
N HIS A 22 -19.34 -1.57 0.52
CA HIS A 22 -19.91 -0.35 1.12
C HIS A 22 -20.37 0.53 -0.01
N TRP A 23 -21.14 1.58 0.29
CA TRP A 23 -21.60 2.50 -0.75
C TRP A 23 -20.45 3.45 -1.07
N GLY A 24 -19.51 2.94 -1.85
CA GLY A 24 -18.30 3.65 -2.17
C GLY A 24 -18.33 4.33 -3.52
N TYR A 25 -18.01 5.62 -3.53
CA TYR A 25 -17.99 6.41 -4.77
C TYR A 25 -17.14 5.78 -5.85
N GLU A 26 -16.07 5.08 -5.47
CA GLU A 26 -15.15 4.55 -6.45
C GLU A 26 -15.74 3.35 -7.17
N TYR A 27 -16.77 2.74 -6.60
CA TYR A 27 -17.42 1.61 -7.22
C TYR A 27 -18.31 2.06 -8.38
N GLY A 28 -19.11 3.12 -8.18
CA GLY A 28 -19.85 3.70 -9.28
C GLY A 28 -18.92 4.21 -10.38
N LEU A 29 -17.80 4.80 -9.97
CA LEU A 29 -16.81 5.28 -10.92
C LEU A 29 -16.29 4.15 -11.84
N THR A 30 -15.99 3.01 -11.25
CA THR A 30 -15.50 1.85 -11.99
C THR A 30 -16.61 1.34 -12.91
N LEU A 31 -17.84 1.29 -12.40
CA LEU A 31 -18.94 0.88 -13.22
C LEU A 31 -19.21 1.85 -14.38
N ASP A 32 -18.99 3.14 -14.15
CA ASP A 32 -19.13 4.16 -15.21
C ASP A 32 -18.13 3.85 -16.34
N GLY A 33 -16.94 3.38 -15.99
CA GLY A 33 -15.97 2.94 -16.99
C GLY A 33 -16.44 1.70 -17.73
N ILE A 34 -16.97 0.73 -16.99
CA ILE A 34 -17.49 -0.48 -17.60
C ILE A 34 -18.67 -0.17 -18.53
N ALA A 35 -19.44 0.85 -18.18
CA ALA A 35 -20.57 1.23 -19.01
C ALA A 35 -20.11 1.72 -20.38
N LYS A 36 -18.93 2.33 -20.47
CA LYS A 36 -18.40 2.73 -21.77
C LYS A 36 -18.04 1.51 -22.63
N VAL A 37 -17.57 0.45 -21.98
CA VAL A 37 -17.25 -0.78 -22.67
C VAL A 37 -18.52 -1.44 -23.20
N TYR A 38 -19.59 -1.40 -22.40
CA TYR A 38 -20.91 -1.83 -22.87
C TYR A 38 -21.33 -1.04 -24.09
N GLU A 39 -21.16 0.28 -24.04
CA GLU A 39 -21.58 1.17 -25.12
C GLU A 39 -20.94 0.78 -26.45
N TRP A 40 -19.63 0.55 -26.45
CA TRP A 40 -18.97 0.27 -27.73
C TRP A 40 -19.00 -1.19 -28.15
N THR A 41 -18.97 -2.10 -27.20
CA THR A 41 -19.00 -3.52 -27.56
C THR A 41 -20.42 -4.02 -27.85
N LYS A 42 -21.39 -3.33 -27.26
CA LYS A 42 -22.79 -3.75 -27.28
C LYS A 42 -22.98 -5.14 -26.68
N ASP A 43 -22.01 -5.54 -25.86
CA ASP A 43 -22.03 -6.86 -25.24
C ASP A 43 -22.75 -6.82 -23.89
N LYS A 44 -23.88 -7.53 -23.80
CA LYS A 44 -24.72 -7.48 -22.61
C LYS A 44 -24.02 -7.95 -21.35
N LYS A 45 -22.93 -8.71 -21.48
CA LYS A 45 -22.25 -9.17 -20.27
C LYS A 45 -21.74 -8.00 -19.41
N TYR A 46 -21.41 -6.88 -20.05
CA TYR A 46 -20.94 -5.71 -19.29
C TYR A 46 -22.10 -5.04 -18.56
N LEU A 47 -23.23 -4.90 -19.24
CA LEU A 47 -24.42 -4.34 -18.61
C LEU A 47 -24.86 -5.23 -17.47
N ASP A 48 -24.86 -6.53 -17.70
CA ASP A 48 -25.27 -7.47 -16.67
C ASP A 48 -24.38 -7.38 -15.43
N PHE A 49 -23.08 -7.19 -15.62
CA PHE A 49 -22.16 -7.00 -14.50
C PHE A 49 -22.50 -5.76 -13.70
N ILE A 50 -22.82 -4.69 -14.40
CA ILE A 50 -23.20 -3.44 -13.74
C ILE A 50 -24.47 -3.63 -12.93
N ILE A 51 -25.46 -4.27 -13.54
CA ILE A 51 -26.73 -4.50 -12.87
C ILE A 51 -26.52 -5.33 -11.61
N LYS A 52 -25.78 -6.43 -11.74
CA LYS A 52 -25.57 -7.36 -10.63
C LYS A 52 -24.84 -6.66 -9.48
N THR A 53 -23.84 -5.84 -9.81
CA THR A 53 -23.10 -5.10 -8.79
C THR A 53 -24.05 -4.15 -8.03
N MET A 54 -24.86 -3.41 -8.77
CA MET A 54 -25.73 -2.43 -8.11
C MET A 54 -26.89 -3.07 -7.38
N ASP A 55 -27.20 -4.32 -7.69
CA ASP A 55 -28.24 -5.04 -6.96
C ASP A 55 -27.91 -5.22 -5.48
N THR A 56 -26.63 -5.16 -5.14
CA THR A 56 -26.23 -5.15 -3.73
C THR A 56 -26.83 -3.97 -3.00
N PHE A 57 -26.89 -2.84 -3.70
CA PHE A 57 -27.22 -1.56 -3.05
C PHE A 57 -28.66 -1.15 -3.23
N ILE A 58 -29.24 -1.40 -4.39
CA ILE A 58 -30.55 -0.83 -4.70
C ILE A 58 -31.68 -1.82 -4.45
N ASN A 59 -32.42 -1.57 -3.38
CA ASN A 59 -33.54 -2.39 -3.02
C ASN A 59 -34.71 -2.12 -3.96
N GLU A 60 -35.67 -3.05 -4.03
CA GLU A 60 -36.78 -2.90 -4.95
C GLU A 60 -37.56 -1.62 -4.69
N ASP A 61 -37.62 -1.18 -3.43
CA ASP A 61 -38.35 0.04 -3.09
C ASP A 61 -37.54 1.32 -3.31
N GLY A 62 -36.34 1.19 -3.84
CA GLY A 62 -35.50 2.34 -4.12
C GLY A 62 -34.62 2.82 -3.00
N THR A 63 -34.72 2.23 -1.81
CA THR A 63 -33.78 2.57 -0.74
C THR A 63 -32.41 1.98 -1.06
N ILE A 64 -31.36 2.56 -0.47
CA ILE A 64 -29.99 2.24 -0.81
C ILE A 64 -29.26 1.69 0.42
N ASN A 65 -28.81 0.46 0.32
CA ASN A 65 -28.07 -0.16 1.41
C ASN A 65 -26.71 0.49 1.57
N GLY A 66 -26.41 0.95 2.79
CA GLY A 66 -25.12 1.57 3.06
C GLY A 66 -25.11 3.08 2.88
N TYR A 67 -26.26 3.64 2.55
CA TYR A 67 -26.44 5.08 2.37
C TYR A 67 -27.26 5.64 3.50
N LYS A 68 -26.83 6.76 4.09
CA LYS A 68 -27.69 7.46 5.05
C LYS A 68 -27.61 8.94 4.72
N LEU A 69 -28.72 9.46 4.25
CA LEU A 69 -28.82 10.83 3.80
C LEU A 69 -28.34 11.81 4.86
N GLU A 70 -28.75 11.58 6.11
CA GLU A 70 -28.47 12.50 7.19
C GLU A 70 -26.99 12.60 7.59
N GLU A 71 -26.13 11.76 7.03
CA GLU A 71 -24.70 11.94 7.24
C GLU A 71 -24.17 13.12 6.42
N TYR A 72 -24.92 13.51 5.39
CA TYR A 72 -24.54 14.59 4.49
C TYR A 72 -23.06 14.44 4.06
N ASN A 73 -22.78 13.29 3.46
CA ASN A 73 -21.47 12.94 2.96
C ASN A 73 -21.51 13.13 1.44
N ILE A 74 -20.76 14.09 0.90
CA ILE A 74 -20.87 14.36 -0.52
C ILE A 74 -20.45 13.16 -1.38
N ASP A 75 -19.56 12.33 -0.86
CA ASP A 75 -19.08 11.13 -1.57
C ASP A 75 -20.23 10.22 -1.93
N HIS A 76 -21.27 10.21 -1.09
CA HIS A 76 -22.40 9.32 -1.27
C HIS A 76 -23.28 9.65 -2.47
N LEU A 77 -23.06 10.79 -3.12
CA LEU A 77 -23.79 11.14 -4.33
C LEU A 77 -23.19 10.57 -5.61
N ASN A 78 -21.92 10.21 -5.59
CA ASN A 78 -21.27 9.86 -6.85
C ASN A 78 -21.92 8.69 -7.57
N ASN A 79 -22.37 7.69 -6.80
CA ASN A 79 -22.94 6.48 -7.38
C ASN A 79 -24.32 6.73 -8.02
N GLY A 80 -24.87 7.93 -7.83
CA GLY A 80 -26.03 8.32 -8.60
C GLY A 80 -25.78 8.38 -10.10
N LYS A 81 -24.55 8.64 -10.51
CA LYS A 81 -24.25 8.72 -11.93
C LYS A 81 -24.51 7.39 -12.63
N ILE A 82 -23.99 6.29 -12.09
CA ILE A 82 -24.32 5.00 -12.70
C ILE A 82 -25.81 4.69 -12.64
N LEU A 83 -26.50 5.15 -11.59
CA LEU A 83 -27.95 4.95 -11.52
C LEU A 83 -28.69 5.66 -12.66
N ILE A 84 -28.23 6.86 -13.05
CA ILE A 84 -28.79 7.52 -14.21
C ILE A 84 -28.63 6.66 -15.45
N THR A 85 -27.43 6.12 -15.63
CA THR A 85 -27.13 5.29 -16.78
C THR A 85 -28.03 4.05 -16.78
N LEU A 86 -28.19 3.43 -15.63
CA LEU A 86 -29.03 2.24 -15.54
C LEU A 86 -30.49 2.56 -15.77
N PHE A 87 -30.96 3.70 -15.27
CA PHE A 87 -32.36 4.07 -15.49
C PHE A 87 -32.61 4.31 -16.98
N LYS A 88 -31.68 4.99 -17.64
CA LYS A 88 -31.83 5.26 -19.07
C LYS A 88 -31.80 3.97 -19.89
N GLU A 89 -30.92 3.05 -19.50
CA GLU A 89 -30.76 1.79 -20.23
C GLU A 89 -31.90 0.81 -19.99
N THR A 90 -32.39 0.70 -18.76
CA THR A 90 -33.32 -0.38 -18.38
C THR A 90 -34.74 0.13 -18.10
N GLY A 91 -34.86 1.41 -17.78
CA GLY A 91 -36.13 1.99 -17.39
C GLY A 91 -36.71 1.46 -16.08
N LYS A 92 -35.94 0.74 -15.27
CA LYS A 92 -36.48 0.13 -14.04
C LYS A 92 -36.70 1.16 -12.95
N GLU A 93 -37.90 1.13 -12.38
CA GLU A 93 -38.33 2.19 -11.47
C GLU A 93 -37.46 2.29 -10.22
N LYS A 94 -36.88 1.18 -9.75
CA LYS A 94 -36.14 1.23 -8.50
C LYS A 94 -34.94 2.16 -8.63
N TYR A 95 -34.38 2.27 -9.84
CA TYR A 95 -33.24 3.15 -10.04
C TYR A 95 -33.69 4.62 -9.93
N ARG A 96 -34.84 4.92 -10.51
CA ARG A 96 -35.36 6.27 -10.44
C ARG A 96 -35.70 6.63 -8.99
N LYS A 97 -36.26 5.69 -8.23
CA LYS A 97 -36.60 5.99 -6.83
C LYS A 97 -35.34 6.22 -6.01
N ALA A 98 -34.30 5.43 -6.28
CA ALA A 98 -33.01 5.62 -5.63
C ALA A 98 -32.42 6.99 -5.95
N LEU A 99 -32.59 7.42 -7.20
CA LEU A 99 -32.11 8.72 -7.62
C LEU A 99 -32.85 9.85 -6.90
N ILE A 100 -34.16 9.67 -6.72
CA ILE A 100 -34.95 10.65 -5.98
C ILE A 100 -34.41 10.75 -4.55
N ASN A 101 -34.05 9.61 -3.97
CA ASN A 101 -33.53 9.62 -2.60
C ASN A 101 -32.20 10.36 -2.51
N LEU A 102 -31.31 10.16 -3.49
CA LEU A 102 -30.06 10.88 -3.49
C LEU A 102 -30.27 12.36 -3.71
N ARG A 103 -31.16 12.71 -4.62
CA ARG A 103 -31.43 14.12 -4.92
C ARG A 103 -31.93 14.86 -3.69
N LYS A 104 -32.68 14.18 -2.83
CA LYS A 104 -33.18 14.79 -1.61
C LYS A 104 -32.03 15.27 -0.69
N GLN A 105 -30.88 14.64 -0.76
CA GLN A 105 -29.74 15.10 0.05
C GLN A 105 -29.34 16.53 -0.31
N ILE A 106 -29.44 16.87 -1.59
CA ILE A 106 -29.05 18.17 -2.07
C ILE A 106 -29.93 19.28 -1.49
N ASP A 107 -31.17 18.94 -1.15
CA ASP A 107 -32.09 19.92 -0.58
C ASP A 107 -31.52 20.67 0.62
N ASN A 108 -30.90 19.94 1.55
CA ASN A 108 -30.46 20.54 2.80
C ASN A 108 -28.99 20.28 3.10
N HIS A 109 -28.25 19.73 2.15
CA HIS A 109 -26.83 19.50 2.38
C HIS A 109 -26.17 20.82 2.74
N PRO A 110 -25.38 20.85 3.83
CA PRO A 110 -24.87 22.14 4.32
C PRO A 110 -23.89 22.79 3.35
N ARG A 111 -23.89 24.12 3.36
CA ARG A 111 -23.09 24.90 2.43
C ARG A 111 -22.24 25.95 3.13
N THR A 112 -21.15 26.32 2.47
CA THR A 112 -20.28 27.39 2.97
C THR A 112 -20.96 28.73 2.77
N LYS A 113 -20.31 29.79 3.25
CA LYS A 113 -20.88 31.13 3.16
C LYS A 113 -21.10 31.54 1.70
N GLU A 114 -20.33 30.94 0.79
CA GLU A 114 -20.46 31.20 -0.65
C GLU A 114 -21.24 30.09 -1.37
N ASN A 115 -22.01 29.32 -0.62
CA ASN A 115 -22.96 28.36 -1.18
C ASN A 115 -22.37 27.14 -1.85
N VAL A 116 -21.17 26.75 -1.42
CA VAL A 116 -20.56 25.51 -1.89
C VAL A 116 -20.85 24.40 -0.87
N PHE A 117 -21.21 23.22 -1.34
CA PHE A 117 -21.42 22.09 -0.44
C PHE A 117 -20.19 21.85 0.45
N TRP A 118 -20.41 21.71 1.74
CA TRP A 118 -19.43 21.11 2.62
C TRP A 118 -19.09 19.70 2.12
N HIS A 119 -17.83 19.32 2.25
CA HIS A 119 -17.42 17.99 1.83
C HIS A 119 -18.23 16.89 2.57
N LYS A 120 -18.35 17.02 3.89
CA LYS A 120 -19.19 16.14 4.69
C LYS A 120 -19.67 16.91 5.91
N ASN A 121 -20.74 16.44 6.54
CA ASN A 121 -21.16 17.04 7.81
C ASN A 121 -20.03 17.04 8.84
N ILE A 122 -19.17 16.01 8.82
CA ILE A 122 -18.07 15.91 9.78
C ILE A 122 -16.89 16.81 9.42
N TYR A 123 -16.99 17.46 8.26
CA TYR A 123 -15.97 18.42 7.80
C TYR A 123 -16.59 19.80 7.56
N PRO A 124 -17.09 20.40 8.63
CA PRO A 124 -17.83 21.65 8.44
C PRO A 124 -16.94 22.74 7.87
N HIS A 125 -17.51 23.52 6.95
CA HIS A 125 -16.87 24.69 6.36
C HIS A 125 -15.78 24.33 5.36
N GLN A 126 -15.69 23.05 4.99
CA GLN A 126 -14.58 22.58 4.15
C GLN A 126 -14.99 22.28 2.73
N ILE A 127 -14.18 22.72 1.78
CA ILE A 127 -14.33 22.35 0.39
C ILE A 127 -13.11 21.51 0.03
N TRP A 128 -13.32 20.26 -0.37
CA TRP A 128 -12.24 19.44 -0.93
C TRP A 128 -12.49 19.24 -2.41
N LEU A 129 -11.43 19.24 -3.21
CA LEU A 129 -11.59 19.12 -4.66
C LEU A 129 -12.38 17.86 -5.01
N ASP A 130 -12.12 16.75 -4.30
CA ASP A 130 -12.81 15.50 -4.55
C ASP A 130 -14.32 15.71 -4.68
N GLY A 131 -14.89 16.55 -3.81
CA GLY A 131 -16.33 16.73 -3.75
C GLY A 131 -16.98 17.32 -4.98
N LEU A 132 -16.22 18.12 -5.74
CA LEU A 132 -16.75 18.69 -6.97
C LEU A 132 -17.11 17.61 -7.96
N TYR A 133 -16.38 16.49 -7.93
CA TYR A 133 -16.67 15.38 -8.82
C TYR A 133 -17.84 14.57 -8.28
N MET A 134 -17.86 14.34 -6.97
CA MET A 134 -18.90 13.47 -6.38
C MET A 134 -20.28 14.11 -6.37
N GLY A 135 -20.29 15.41 -6.11
CA GLY A 135 -21.51 16.13 -5.78
C GLY A 135 -22.00 17.00 -6.90
N ALA A 136 -21.32 18.13 -7.11
CA ALA A 136 -21.71 19.06 -8.17
C ALA A 136 -21.84 18.38 -9.52
N THR A 137 -20.93 17.49 -9.87
CA THR A 137 -20.98 16.80 -11.15
C THR A 137 -22.16 15.81 -11.25
N PHE A 138 -22.44 15.08 -10.19
CA PHE A 138 -23.62 14.24 -10.18
C PHE A 138 -24.87 15.10 -10.33
N TYR A 139 -24.90 16.21 -9.60
CA TYR A 139 -26.04 17.11 -9.62
C TYR A 139 -26.27 17.62 -11.06
N ALA A 140 -25.19 17.94 -11.77
CA ALA A 140 -25.31 18.36 -13.16
C ALA A 140 -25.92 17.28 -14.05
N LYS A 141 -25.45 16.05 -13.91
CA LYS A 141 -26.01 14.95 -14.68
C LYS A 141 -27.48 14.73 -14.33
N TYR A 142 -27.82 14.88 -13.05
CA TYR A 142 -29.19 14.71 -12.62
C TYR A 142 -30.07 15.77 -13.25
N VAL A 143 -29.61 17.02 -13.21
CA VAL A 143 -30.42 18.13 -13.76
C VAL A 143 -30.64 17.97 -15.25
N LYS A 144 -29.59 17.53 -15.97
CA LYS A 144 -29.69 17.27 -17.40
C LYS A 144 -30.84 16.32 -17.70
N GLU A 145 -30.98 15.29 -16.86
CA GLU A 145 -32.01 14.26 -17.09
C GLU A 145 -33.39 14.60 -16.54
N PHE A 146 -33.44 15.24 -15.37
CA PHE A 146 -34.69 15.35 -14.62
C PHE A 146 -35.03 16.74 -14.09
N GLY A 147 -34.07 17.65 -14.10
CA GLY A 147 -34.11 18.80 -13.19
C GLY A 147 -34.60 19.99 -13.94
N GLU A 148 -34.51 21.14 -13.30
CA GLU A 148 -34.79 22.39 -13.96
C GLU A 148 -33.45 23.02 -14.29
N GLU A 149 -33.34 23.54 -15.51
CA GLU A 149 -32.07 24.08 -16.00
C GLU A 149 -31.51 25.23 -15.16
N LYS A 150 -32.37 25.98 -14.49
CA LYS A 150 -31.89 27.06 -13.62
C LYS A 150 -30.89 26.51 -12.58
N GLU A 151 -31.04 25.24 -12.21
CA GLU A 151 -30.19 24.64 -11.19
C GLU A 151 -28.75 24.56 -11.63
N PHE A 152 -28.50 24.61 -12.93
CA PHE A 152 -27.11 24.62 -13.38
C PHE A 152 -26.34 25.83 -12.84
N ASP A 153 -27.02 26.94 -12.56
CA ASP A 153 -26.35 28.14 -12.05
C ASP A 153 -25.68 27.86 -10.71
N ASP A 154 -26.34 27.03 -9.89
CA ASP A 154 -25.83 26.63 -8.58
C ASP A 154 -24.56 25.84 -8.79
N ILE A 155 -24.64 24.83 -9.65
CA ILE A 155 -23.52 23.95 -9.95
C ILE A 155 -22.32 24.73 -10.47
N THR A 156 -22.52 25.58 -11.46
CA THR A 156 -21.38 26.30 -12.03
C THR A 156 -20.75 27.24 -10.99
N HIS A 157 -21.58 27.90 -10.20
CA HIS A 157 -21.08 28.77 -9.13
C HIS A 157 -20.16 27.99 -8.19
N GLN A 158 -20.49 26.73 -7.92
CA GLN A 158 -19.64 25.93 -7.03
C GLN A 158 -18.26 25.70 -7.63
N PHE A 159 -18.20 25.42 -8.93
CA PHE A 159 -16.90 25.30 -9.59
C PHE A 159 -16.09 26.59 -9.56
N ILE A 160 -16.77 27.71 -9.80
CA ILE A 160 -16.10 29.00 -9.86
C ILE A 160 -15.54 29.43 -8.50
N ILE A 161 -16.33 29.25 -7.46
CA ILE A 161 -15.91 29.60 -6.11
C ILE A 161 -14.77 28.67 -5.67
N THR A 162 -14.86 27.40 -6.03
CA THR A 162 -13.80 26.47 -5.66
C THR A 162 -12.48 26.90 -6.30
N GLU A 163 -12.49 27.27 -7.56
CA GLU A 163 -11.26 27.72 -8.17
C GLU A 163 -10.75 29.02 -7.50
N LYS A 164 -11.66 29.94 -7.18
CA LYS A 164 -11.26 31.19 -6.54
C LYS A 164 -10.54 30.94 -5.22
N ASN A 165 -11.06 30.01 -4.43
CA ASN A 165 -10.53 29.79 -3.09
C ASN A 165 -9.36 28.81 -3.04
N LEU A 166 -9.28 27.86 -3.97
CA LEU A 166 -8.28 26.79 -3.86
C LEU A 166 -7.09 26.92 -4.79
N LYS A 167 -7.14 27.85 -5.74
CA LYS A 167 -6.06 28.00 -6.70
C LYS A 167 -4.83 28.69 -6.12
N ASP A 168 -3.67 28.16 -6.48
CA ASP A 168 -2.38 28.81 -6.24
C ASP A 168 -2.06 29.70 -7.43
N ASN A 169 -1.92 31.01 -7.21
CA ASN A 169 -1.63 31.90 -8.32
C ASN A 169 -0.26 31.64 -8.95
N LYS A 170 0.68 31.13 -8.18
CA LYS A 170 2.02 30.91 -8.71
C LYS A 170 2.04 29.79 -9.76
N THR A 171 1.55 28.61 -9.38
CA THR A 171 1.64 27.44 -10.25
C THR A 171 0.40 27.25 -11.11
N GLY A 172 -0.73 27.79 -10.66
CA GLY A 172 -2.01 27.50 -11.30
C GLY A 172 -2.65 26.20 -10.85
N LEU A 173 -1.97 25.45 -10.00
CA LEU A 173 -2.54 24.24 -9.44
C LEU A 173 -3.49 24.60 -8.29
N LEU A 174 -4.37 23.66 -7.94
CA LEU A 174 -5.30 23.85 -6.83
C LEU A 174 -4.97 22.88 -5.71
N TYR A 175 -4.96 23.40 -4.50
CA TYR A 175 -4.71 22.59 -3.32
C TYR A 175 -5.86 21.63 -3.07
N HIS A 176 -5.56 20.54 -2.36
CA HIS A 176 -6.51 19.48 -2.10
C HIS A 176 -7.79 19.99 -1.40
N ALA A 177 -7.61 20.83 -0.37
CA ALA A 177 -8.75 21.26 0.44
C ALA A 177 -8.56 22.65 1.03
N TYR A 178 -9.70 23.18 1.49
CA TYR A 178 -9.86 24.54 1.98
C TYR A 178 -10.81 24.48 3.18
N ASP A 179 -10.43 25.13 4.29
CA ASP A 179 -11.30 25.28 5.44
C ASP A 179 -11.64 26.76 5.60
N GLU A 180 -12.86 27.12 5.23
CA GLU A 180 -13.31 28.50 5.28
C GLU A 180 -13.19 29.09 6.69
N SER A 181 -13.28 28.23 7.69
CA SER A 181 -13.26 28.66 9.08
C SER A 181 -11.82 28.77 9.56
N LYS A 182 -10.91 28.18 8.79
CA LYS A 182 -9.48 28.16 9.09
C LYS A 182 -9.18 27.61 10.49
N THR A 183 -9.99 26.66 10.93
CA THR A 183 -9.81 26.06 12.26
C THR A 183 -9.06 24.72 12.24
N GLU A 184 -9.14 23.95 11.17
CA GLU A 184 -8.40 22.70 11.08
C GLU A 184 -6.89 22.94 11.16
N PRO A 185 -6.16 22.08 11.89
CA PRO A 185 -4.71 22.25 12.02
C PRO A 185 -3.95 22.11 10.71
N TRP A 186 -4.54 21.45 9.72
CA TRP A 186 -3.91 21.34 8.41
C TRP A 186 -4.08 22.59 7.56
N SER A 187 -4.94 23.51 8.00
CA SER A 187 -5.30 24.65 7.16
C SER A 187 -4.39 25.83 7.43
N ASN A 188 -3.99 26.49 6.34
CA ASN A 188 -3.08 27.62 6.41
C ASN A 188 -3.77 28.79 7.09
N SER A 189 -3.07 29.42 8.03
CA SER A 189 -3.68 30.50 8.81
C SER A 189 -4.09 31.69 7.94
N GLU A 190 -3.45 31.88 6.79
CA GLU A 190 -3.82 32.99 5.91
C GLU A 190 -4.94 32.65 4.94
N THR A 191 -4.83 31.48 4.31
CA THR A 191 -5.66 31.15 3.17
C THR A 191 -6.67 30.05 3.45
N GLY A 192 -6.49 29.33 4.55
CA GLY A 192 -7.35 28.20 4.85
C GLY A 192 -7.01 26.94 4.05
N LEU A 193 -5.95 27.00 3.26
CA LEU A 193 -5.65 25.90 2.34
C LEU A 193 -4.77 24.82 2.95
N SER A 194 -4.92 23.61 2.42
CA SER A 194 -4.07 22.50 2.82
C SER A 194 -2.68 22.70 2.18
N PRO A 195 -1.67 21.91 2.61
CA PRO A 195 -0.30 22.26 2.21
C PRO A 195 0.13 21.90 0.78
N HIS A 196 -0.51 20.92 0.17
CA HIS A 196 0.00 20.34 -1.07
C HIS A 196 -1.00 20.12 -2.18
N PHE A 197 -0.43 20.04 -3.38
CA PHE A 197 -1.17 19.67 -4.58
C PHE A 197 -1.09 18.16 -4.73
N TRP A 198 -2.21 17.52 -4.45
CA TRP A 198 -2.34 16.07 -4.54
C TRP A 198 -2.84 15.68 -5.91
N GLY A 199 -2.16 14.74 -6.54
CA GLY A 199 -2.50 14.32 -7.89
C GLY A 199 -3.95 13.95 -8.09
N ARG A 200 -4.46 13.05 -7.26
CA ARG A 200 -5.82 12.60 -7.47
C ARG A 200 -6.85 13.73 -7.26
N ALA A 201 -6.57 14.63 -6.34
CA ALA A 201 -7.47 15.77 -6.11
C ALA A 201 -7.58 16.65 -7.34
N MET A 202 -6.45 16.98 -7.95
CA MET A 202 -6.53 17.69 -9.22
C MET A 202 -7.24 16.87 -10.27
N GLY A 203 -7.01 15.56 -10.29
CA GLY A 203 -7.71 14.68 -11.22
C GLY A 203 -9.22 14.76 -11.06
N TRP A 204 -9.71 14.72 -9.81
CA TRP A 204 -11.14 14.86 -9.57
C TRP A 204 -11.67 16.15 -10.18
N TYR A 205 -10.95 17.24 -9.95
CA TYR A 205 -11.44 18.54 -10.38
C TYR A 205 -11.47 18.65 -11.90
N VAL A 206 -10.42 18.19 -12.58
CA VAL A 206 -10.46 18.25 -14.05
C VAL A 206 -11.49 17.30 -14.68
N MET A 207 -11.68 16.12 -14.11
CA MET A 207 -12.76 15.26 -14.57
C MET A 207 -14.11 15.93 -14.34
N ALA A 208 -14.27 16.51 -13.17
CA ALA A 208 -15.52 17.19 -12.81
C ALA A 208 -15.83 18.29 -13.79
N LEU A 209 -14.82 19.07 -14.17
CA LEU A 209 -15.02 20.13 -15.15
C LEU A 209 -15.45 19.57 -16.51
N ALA A 210 -14.69 18.61 -17.02
CA ALA A 210 -15.00 18.05 -18.33
C ALA A 210 -16.40 17.45 -18.35
N ASP A 211 -16.77 16.71 -17.32
CA ASP A 211 -18.04 16.02 -17.29
C ASP A 211 -19.21 16.98 -17.04
N THR A 212 -18.96 18.06 -16.32
CA THR A 212 -20.01 19.04 -16.07
C THR A 212 -20.26 19.95 -17.29
N ILE A 213 -19.19 20.41 -17.91
CA ILE A 213 -19.33 21.27 -19.05
C ILE A 213 -20.11 20.53 -20.13
N GLU A 214 -19.85 19.23 -20.26
CA GLU A 214 -20.49 18.41 -21.28
C GLU A 214 -22.01 18.45 -21.21
N VAL A 215 -22.58 18.53 -20.00
CA VAL A 215 -24.03 18.53 -19.85
C VAL A 215 -24.65 19.92 -19.71
N LEU A 216 -23.83 20.97 -19.67
CA LEU A 216 -24.36 22.34 -19.64
C LEU A 216 -25.06 22.75 -20.93
N PRO A 217 -26.11 23.57 -20.83
CA PRO A 217 -26.62 24.20 -22.06
C PRO A 217 -25.52 24.98 -22.77
N LYS A 218 -25.47 24.92 -24.10
CA LYS A 218 -24.42 25.59 -24.88
C LYS A 218 -24.35 27.09 -24.64
N ASN A 219 -25.49 27.68 -24.31
CA ASN A 219 -25.54 29.11 -24.04
C ASN A 219 -25.47 29.47 -22.56
N HIS A 220 -25.09 28.52 -21.72
CA HIS A 220 -25.09 28.81 -20.29
C HIS A 220 -24.10 29.92 -19.98
N LYS A 221 -24.50 30.85 -19.10
CA LYS A 221 -23.71 32.05 -18.84
C LYS A 221 -22.31 31.76 -18.26
N ASP A 222 -22.15 30.62 -17.60
CA ASP A 222 -20.87 30.26 -16.96
C ASP A 222 -20.10 29.19 -17.72
N ARG A 223 -20.60 28.77 -18.88
CA ARG A 223 -19.93 27.72 -19.64
C ARG A 223 -18.51 28.10 -20.06
N ASN A 224 -18.32 29.30 -20.60
CA ASN A 224 -16.97 29.75 -20.96
C ASN A 224 -16.06 29.85 -19.76
N ALA A 225 -16.57 30.31 -18.63
CA ALA A 225 -15.75 30.39 -17.43
C ALA A 225 -15.21 29.01 -17.02
N LEU A 226 -16.05 27.99 -17.04
CA LEU A 226 -15.59 26.66 -16.66
C LEU A 226 -14.59 26.11 -17.68
N ILE A 227 -14.80 26.41 -18.96
CA ILE A 227 -13.85 26.00 -19.98
C ILE A 227 -12.49 26.66 -19.75
N LYS A 228 -12.50 27.95 -19.41
CA LYS A 228 -11.26 28.65 -19.10
C LYS A 228 -10.54 28.03 -17.91
N ILE A 229 -11.28 27.73 -16.84
CA ILE A 229 -10.70 27.09 -15.67
C ILE A 229 -10.06 25.76 -16.06
N LEU A 230 -10.76 24.97 -16.89
CA LEU A 230 -10.19 23.71 -17.34
C LEU A 230 -8.88 23.91 -18.11
N ASN A 231 -8.88 24.88 -19.03
CA ASN A 231 -7.65 25.17 -19.76
C ASN A 231 -6.54 25.57 -18.81
N ASN A 232 -6.85 26.42 -17.85
CA ASN A 232 -5.83 26.86 -16.89
C ASN A 232 -5.28 25.70 -16.07
N CYS A 233 -6.15 24.78 -15.69
CA CYS A 233 -5.73 23.61 -14.92
C CYS A 233 -4.81 22.73 -15.76
N VAL A 234 -5.15 22.57 -17.03
CA VAL A 234 -4.35 21.74 -17.93
C VAL A 234 -2.99 22.38 -18.14
N THR A 235 -2.95 23.69 -18.38
CA THR A 235 -1.68 24.39 -18.47
C THR A 235 -0.81 24.14 -17.24
N ALA A 236 -1.43 24.24 -16.08
CA ALA A 236 -0.70 24.07 -14.82
C ALA A 236 -0.21 22.63 -14.66
N LEU A 237 -1.05 21.67 -15.02
CA LEU A 237 -0.64 20.28 -14.91
C LEU A 237 0.45 19.92 -15.91
N LEU A 238 0.41 20.47 -17.12
CA LEU A 238 1.45 20.15 -18.09
C LEU A 238 2.82 20.65 -17.63
N LYS A 239 2.84 21.76 -16.88
CA LYS A 239 4.11 22.24 -16.32
C LYS A 239 4.77 21.28 -15.36
N VAL A 240 4.00 20.44 -14.69
CA VAL A 240 4.54 19.50 -13.73
C VAL A 240 4.49 18.05 -14.17
N GLN A 241 4.12 17.81 -15.42
CA GLN A 241 4.16 16.47 -15.98
C GLN A 241 5.60 15.97 -15.90
N ASP A 242 5.77 14.71 -15.51
CA ASP A 242 7.13 14.13 -15.50
C ASP A 242 7.63 13.94 -16.93
N ASN A 243 8.79 14.48 -17.24
CA ASN A 243 9.29 14.46 -18.61
C ASN A 243 9.59 13.06 -19.13
N ALA A 244 10.18 12.22 -18.30
CA ALA A 244 10.58 10.89 -18.75
C ALA A 244 9.37 9.98 -18.96
N SER A 245 8.46 9.94 -17.99
CA SER A 245 7.35 9.01 -18.01
C SER A 245 6.09 9.54 -18.71
N LYS A 246 5.98 10.87 -18.75
CA LYS A 246 4.78 11.55 -19.28
C LYS A 246 3.56 11.44 -18.38
N VAL A 247 3.74 11.04 -17.13
CA VAL A 247 2.64 10.98 -16.18
C VAL A 247 2.94 11.89 -14.97
N TRP A 248 2.17 11.71 -13.90
CA TRP A 248 2.15 12.67 -12.80
C TRP A 248 2.43 12.03 -11.44
N TYR A 249 3.02 12.84 -10.55
CA TYR A 249 3.35 12.43 -9.20
C TYR A 249 2.21 12.57 -8.21
N GLN A 250 2.29 11.76 -7.16
CA GLN A 250 1.39 11.87 -6.00
C GLN A 250 1.33 13.29 -5.43
N VAL A 251 2.50 13.88 -5.16
CA VAL A 251 2.58 15.30 -4.79
C VAL A 251 3.10 16.02 -6.06
N LEU A 252 2.19 16.70 -6.74
CA LEU A 252 2.37 17.02 -8.16
C LEU A 252 3.63 17.81 -8.52
N ASP A 253 3.96 18.79 -7.68
CA ASP A 253 5.04 19.72 -7.98
C ASP A 253 6.35 19.39 -7.29
N GLU A 254 6.44 18.24 -6.64
CA GLU A 254 7.61 17.88 -5.85
C GLU A 254 8.27 16.60 -6.37
N GLY A 255 8.34 16.46 -7.69
CA GLY A 255 8.82 15.22 -8.29
C GLY A 255 10.24 14.80 -7.92
N GLU A 256 11.08 15.75 -7.54
CA GLU A 256 12.48 15.46 -7.21
C GLU A 256 12.66 15.03 -5.76
N ARG A 257 11.58 15.03 -4.98
CA ARG A 257 11.69 14.81 -3.54
C ARG A 257 11.58 13.32 -3.18
N LYS A 258 12.55 12.83 -2.40
CA LYS A 258 12.58 11.43 -2.01
C LYS A 258 11.26 11.03 -1.34
N GLY A 259 10.71 9.89 -1.77
CA GLY A 259 9.45 9.41 -1.27
C GLY A 259 8.33 9.61 -2.27
N ASN A 260 8.44 10.64 -3.12
CA ASN A 260 7.35 10.90 -4.06
C ASN A 260 7.36 9.79 -5.11
N TYR A 261 6.26 9.64 -5.82
CA TYR A 261 6.10 8.54 -6.78
C TYR A 261 5.07 8.90 -7.83
N LEU A 262 5.25 8.33 -9.02
CA LEU A 262 4.28 8.46 -10.09
C LEU A 262 3.05 7.67 -9.70
N GLU A 263 1.90 8.33 -9.72
CA GLU A 263 0.68 7.75 -9.14
C GLU A 263 -0.40 7.58 -10.22
N ALA A 264 -1.01 6.41 -10.22
CA ALA A 264 -1.82 5.97 -11.37
C ALA A 264 -3.20 6.59 -11.45
N SER A 265 -3.87 6.77 -10.31
CA SER A 265 -5.24 7.24 -10.38
C SER A 265 -5.30 8.70 -10.82
N GLY A 266 -4.51 9.57 -10.19
CA GLY A 266 -4.45 10.96 -10.63
C GLY A 266 -4.00 11.08 -12.09
N SER A 267 -2.96 10.34 -12.47
CA SER A 267 -2.48 10.39 -13.85
C SER A 267 -3.55 9.98 -14.84
N SER A 268 -4.30 8.92 -14.52
CA SER A 268 -5.35 8.45 -15.43
C SER A 268 -6.47 9.48 -15.57
N MET A 269 -6.82 10.11 -14.46
CA MET A 269 -7.88 11.12 -14.44
C MET A 269 -7.47 12.31 -15.30
N ILE A 270 -6.20 12.68 -15.20
CA ILE A 270 -5.69 13.83 -15.96
C ILE A 270 -5.69 13.48 -17.45
N VAL A 271 -5.26 12.28 -17.80
CA VAL A 271 -5.25 11.87 -19.21
C VAL A 271 -6.67 11.83 -19.78
N TYR A 272 -7.61 11.32 -19.01
CA TYR A 272 -9.01 11.31 -19.41
C TYR A 272 -9.50 12.72 -19.71
N ALA A 273 -9.25 13.65 -18.79
CA ALA A 273 -9.68 15.03 -18.99
C ALA A 273 -9.03 15.68 -20.21
N LEU A 274 -7.74 15.40 -20.44
CA LEU A 274 -7.06 15.93 -21.63
C LEU A 274 -7.74 15.42 -22.88
N LEU A 275 -7.96 14.11 -22.93
CA LEU A 275 -8.52 13.49 -24.12
C LEU A 275 -9.95 13.94 -24.36
N LYS A 276 -10.78 13.91 -23.31
CA LYS A 276 -12.16 14.33 -23.46
C LYS A 276 -12.27 15.82 -23.78
N GLY A 277 -11.40 16.61 -23.14
CA GLY A 277 -11.40 18.05 -23.38
C GLY A 277 -11.06 18.38 -24.82
N VAL A 278 -10.13 17.64 -25.42
CA VAL A 278 -9.83 17.83 -26.83
C VAL A 278 -11.01 17.40 -27.71
N ARG A 279 -11.59 16.24 -27.38
CA ARG A 279 -12.69 15.71 -28.18
C ARG A 279 -13.88 16.65 -28.26
N LEU A 280 -14.19 17.29 -27.14
CA LEU A 280 -15.34 18.19 -27.10
C LEU A 280 -14.98 19.65 -27.50
N GLY A 281 -13.71 19.90 -27.78
CA GLY A 281 -13.29 21.23 -28.20
C GLY A 281 -12.95 22.20 -27.08
N TYR A 282 -12.95 21.72 -25.83
CA TYR A 282 -12.64 22.60 -24.71
C TYR A 282 -11.16 22.94 -24.69
N LEU A 283 -10.35 22.00 -25.16
CA LEU A 283 -8.90 22.16 -25.21
C LEU A 283 -8.48 22.12 -26.67
N PRO A 284 -7.39 22.81 -27.01
CA PRO A 284 -7.01 22.88 -28.41
C PRO A 284 -6.54 21.55 -29.01
N GLU A 285 -6.75 21.37 -30.31
CA GLU A 285 -6.41 20.12 -30.97
C GLU A 285 -4.90 19.89 -30.99
N SER A 286 -4.15 20.97 -30.79
CA SER A 286 -2.69 20.84 -30.74
C SER A 286 -2.22 19.94 -29.58
N LEU A 287 -3.10 19.67 -28.61
CA LEU A 287 -2.75 18.82 -27.47
C LEU A 287 -2.93 17.34 -27.73
N LYS A 288 -3.41 16.99 -28.92
CA LYS A 288 -3.67 15.58 -29.22
C LYS A 288 -2.47 14.68 -29.01
N GLU A 289 -1.31 15.04 -29.56
CA GLU A 289 -0.14 14.15 -29.42
C GLU A 289 0.31 14.07 -27.96
N THR A 290 0.22 15.19 -27.24
CA THR A 290 0.56 15.19 -25.82
C THR A 290 -0.33 14.22 -25.05
N ALA A 291 -1.62 14.26 -25.36
CA ALA A 291 -2.59 13.42 -24.68
C ALA A 291 -2.35 11.94 -24.98
N LYS A 292 -2.08 11.63 -26.24
CA LYS A 292 -1.79 10.26 -26.66
C LYS A 292 -0.53 9.71 -25.97
N GLU A 293 0.50 10.53 -25.93
CA GLU A 293 1.76 10.15 -25.31
C GLU A 293 1.60 9.89 -23.82
N ALA A 294 0.79 10.73 -23.17
CA ALA A 294 0.54 10.56 -21.74
C ALA A 294 -0.24 9.27 -21.48
N TYR A 295 -1.23 9.00 -22.33
CA TYR A 295 -1.96 7.74 -22.24
C TYR A 295 -1.03 6.56 -22.34
N LYS A 296 -0.15 6.55 -23.33
CA LYS A 296 0.79 5.45 -23.45
C LYS A 296 1.70 5.35 -22.22
N GLY A 297 1.98 6.50 -21.61
CA GLY A 297 2.71 6.53 -20.36
C GLY A 297 2.00 5.82 -19.22
N LEU A 298 0.68 5.91 -19.18
CA LEU A 298 -0.06 5.15 -18.17
C LEU A 298 0.21 3.64 -18.31
N ILE A 299 0.17 3.15 -19.54
CA ILE A 299 0.39 1.74 -19.79
C ILE A 299 1.80 1.35 -19.39
N ASN A 300 2.77 2.16 -19.85
CA ASN A 300 4.17 1.87 -19.56
C ASN A 300 4.47 1.82 -18.06
N GLU A 301 3.96 2.79 -17.31
CA GLU A 301 4.31 2.91 -15.90
C GLU A 301 3.48 2.03 -14.99
N PHE A 302 2.23 1.77 -15.36
CA PHE A 302 1.26 1.26 -14.37
C PHE A 302 0.62 -0.09 -14.70
N ILE A 303 0.69 -0.54 -15.96
CA ILE A 303 0.06 -1.79 -16.36
C ILE A 303 1.07 -2.93 -16.44
N LEU A 304 0.73 -4.07 -15.84
CA LEU A 304 1.47 -5.31 -15.98
C LEU A 304 0.51 -6.43 -16.32
N GLU A 305 0.91 -7.25 -17.29
CA GLU A 305 0.15 -8.43 -17.68
C GLU A 305 0.38 -9.57 -16.68
N THR A 306 -0.71 -10.22 -16.29
CA THR A 306 -0.60 -11.43 -15.48
C THR A 306 -0.61 -12.66 -16.39
N LYS A 307 -0.26 -13.81 -15.83
CA LYS A 307 0.05 -14.99 -16.64
C LYS A 307 -1.13 -15.51 -17.44
N ASP A 308 -2.34 -15.15 -16.99
CA ASP A 308 -3.57 -15.54 -17.65
C ASP A 308 -3.91 -14.60 -18.80
N GLY A 309 -3.06 -13.60 -19.04
CA GLY A 309 -3.27 -12.65 -20.12
C GLY A 309 -4.15 -11.48 -19.76
N LEU A 310 -4.59 -11.43 -18.50
CA LEU A 310 -5.30 -10.28 -17.97
C LEU A 310 -4.26 -9.26 -17.49
N ILE A 311 -4.73 -8.12 -17.00
CA ILE A 311 -3.83 -7.04 -16.59
C ILE A 311 -4.13 -6.50 -15.20
N ASN A 312 -3.06 -6.08 -14.52
CA ASN A 312 -3.15 -5.32 -13.27
C ASN A 312 -2.84 -3.87 -13.51
N LEU A 313 -3.53 -3.01 -12.77
CA LEU A 313 -3.16 -1.61 -12.69
C LEU A 313 -2.48 -1.36 -11.36
N ASN A 314 -1.24 -0.89 -11.41
CA ASN A 314 -0.43 -0.71 -10.23
C ASN A 314 -0.26 0.76 -9.85
N LYS A 315 0.26 0.99 -8.65
CA LYS A 315 0.73 2.29 -8.15
C LYS A 315 -0.40 3.27 -7.91
N ILE A 316 -1.44 2.79 -7.25
CA ILE A 316 -2.60 3.62 -6.95
C ILE A 316 -2.59 4.00 -5.47
N CYS A 317 -2.71 5.29 -5.19
CA CYS A 317 -2.82 5.71 -3.79
C CYS A 317 -4.16 5.22 -3.26
N TYR A 318 -4.16 4.39 -2.22
CA TYR A 318 -5.41 3.78 -1.78
C TYR A 318 -6.43 4.81 -1.26
N VAL A 319 -5.96 5.76 -0.48
CA VAL A 319 -6.80 6.73 0.20
C VAL A 319 -5.93 7.89 0.66
N ALA A 320 -6.49 9.08 0.62
CA ALA A 320 -5.90 10.24 1.29
C ALA A 320 -7.03 11.19 1.65
N GLY A 321 -6.80 11.95 2.70
CA GLY A 321 -7.73 12.97 3.15
C GLY A 321 -7.09 13.84 4.20
N LEU A 322 -7.87 14.76 4.78
CA LEU A 322 -7.37 15.70 5.74
C LEU A 322 -8.17 15.58 7.05
N GLY A 323 -7.51 15.87 8.15
CA GLY A 323 -8.16 15.84 9.45
C GLY A 323 -8.72 14.48 9.75
N GLY A 324 -9.91 14.44 10.35
CA GLY A 324 -10.54 13.20 10.73
C GLY A 324 -9.94 12.61 12.00
N LYS A 325 -10.27 11.35 12.28
CA LYS A 325 -9.90 10.73 13.55
C LYS A 325 -8.38 10.63 13.69
N ASP A 326 -7.68 10.46 12.57
CA ASP A 326 -6.22 10.35 12.58
C ASP A 326 -5.51 11.70 12.40
N LYS A 327 -6.28 12.78 12.37
CA LYS A 327 -5.74 14.15 12.36
C LYS A 327 -4.70 14.28 11.25
N ARG A 328 -5.11 13.91 10.05
CA ARG A 328 -4.26 13.91 8.87
C ARG A 328 -3.87 15.34 8.52
N ASP A 329 -2.57 15.61 8.43
CA ASP A 329 -2.09 17.00 8.43
C ASP A 329 -1.77 17.54 7.04
N GLY A 330 -1.87 16.70 6.02
CA GLY A 330 -1.67 17.16 4.65
C GLY A 330 -0.23 17.50 4.32
N SER A 331 0.70 17.12 5.20
CA SER A 331 2.12 17.29 4.92
C SER A 331 2.60 16.32 3.84
N PHE A 332 3.78 16.59 3.31
CA PHE A 332 4.39 15.69 2.35
C PHE A 332 4.51 14.28 2.95
N ALA A 333 5.02 14.19 4.17
CA ALA A 333 5.15 12.89 4.84
C ALA A 333 3.81 12.19 4.93
N TYR A 334 2.75 12.94 5.23
CA TYR A 334 1.41 12.38 5.28
C TYR A 334 1.02 11.77 3.91
N TYR A 335 1.20 12.50 2.82
CA TYR A 335 0.75 11.99 1.52
C TYR A 335 1.54 10.76 1.11
N ILE A 336 2.81 10.68 1.49
CA ILE A 336 3.64 9.53 1.15
C ILE A 336 3.31 8.34 2.07
N SER A 337 2.70 8.62 3.22
CA SER A 337 2.44 7.56 4.21
C SER A 337 1.29 6.64 3.81
N GLU A 338 0.42 7.06 2.90
CA GLU A 338 -0.77 6.27 2.61
C GLU A 338 -0.42 5.09 1.69
N PRO A 339 -1.21 4.01 1.74
CA PRO A 339 -0.85 2.81 0.96
C PRO A 339 -0.84 3.04 -0.55
N ILE A 340 0.06 2.31 -1.22
CA ILE A 340 0.09 2.24 -2.69
C ILE A 340 -0.35 0.82 -3.03
N VAL A 341 -1.41 0.71 -3.82
CA VAL A 341 -2.00 -0.59 -4.12
C VAL A 341 -2.25 -0.81 -5.59
N SER A 342 -2.53 -2.08 -5.92
CA SER A 342 -2.93 -2.46 -7.27
C SER A 342 -4.44 -2.78 -7.33
N ASN A 343 -5.02 -2.62 -8.53
CA ASN A 343 -6.39 -3.03 -8.80
C ASN A 343 -7.41 -2.43 -7.84
N GLU A 344 -7.20 -1.16 -7.52
CA GLU A 344 -8.08 -0.38 -6.69
C GLU A 344 -9.01 0.45 -7.58
N PRO A 345 -10.32 0.35 -7.34
CA PRO A 345 -11.29 1.09 -8.14
C PRO A 345 -11.07 2.58 -8.35
N LYS A 346 -10.47 3.28 -7.38
CA LYS A 346 -10.18 4.69 -7.57
C LYS A 346 -9.22 4.94 -8.74
N GLY A 347 -8.41 3.94 -9.08
CA GLY A 347 -7.58 3.98 -10.27
C GLY A 347 -8.19 3.27 -11.48
N LEU A 348 -8.86 2.15 -11.25
CA LEU A 348 -9.41 1.36 -12.34
C LEU A 348 -10.42 2.13 -13.16
N GLY A 349 -11.33 2.81 -12.50
CA GLY A 349 -12.34 3.57 -13.22
C GLY A 349 -11.76 4.60 -14.15
N PRO A 350 -10.90 5.49 -13.62
CA PRO A 350 -10.28 6.49 -14.49
C PRO A 350 -9.47 5.88 -15.61
N PHE A 351 -8.80 4.75 -15.35
CA PHE A 351 -8.05 4.09 -16.41
C PHE A 351 -8.98 3.57 -17.53
N LEU A 352 -10.10 2.98 -17.16
CA LEU A 352 -11.09 2.56 -18.15
C LEU A 352 -11.58 3.75 -18.97
N LEU A 353 -11.88 4.85 -18.28
CA LEU A 353 -12.41 6.03 -18.96
C LEU A 353 -11.39 6.68 -19.89
N ALA A 354 -10.14 6.78 -19.43
CA ALA A 354 -9.07 7.28 -20.29
C ALA A 354 -8.90 6.38 -21.50
N SER A 355 -8.96 5.08 -21.30
CA SER A 355 -8.80 4.13 -22.39
C SER A 355 -9.89 4.31 -23.43
N TYR A 356 -11.14 4.47 -22.97
CA TYR A 356 -12.24 4.69 -23.88
C TYR A 356 -11.99 5.94 -24.71
N GLU A 357 -11.56 7.02 -24.08
CA GLU A 357 -11.34 8.28 -24.81
C GLU A 357 -10.19 8.16 -25.80
N TYR A 358 -9.13 7.48 -25.39
CA TYR A 358 -7.98 7.26 -26.26
C TYR A 358 -8.39 6.48 -27.50
N GLU A 359 -9.12 5.41 -27.28
CA GLU A 359 -9.57 4.56 -28.38
C GLU A 359 -10.46 5.35 -29.31
N THR A 360 -11.29 6.22 -28.75
CA THR A 360 -12.22 6.99 -29.56
C THR A 360 -11.44 7.96 -30.44
N LEU A 361 -10.38 8.54 -29.89
CA LEU A 361 -9.50 9.43 -30.66
C LEU A 361 -8.81 8.67 -31.79
N GLN B 2 22.42 11.24 15.00
CA GLN B 2 21.10 11.13 15.62
C GLN B 2 20.72 9.66 15.85
N LYS B 3 20.24 9.34 17.06
CA LYS B 3 19.92 7.96 17.41
C LYS B 3 18.53 7.55 16.97
N TYR B 4 18.48 6.98 15.78
CA TYR B 4 17.23 6.55 15.20
C TYR B 4 16.57 5.41 15.97
N SER B 5 17.31 4.59 16.70
CA SER B 5 16.67 3.49 17.43
C SER B 5 15.64 4.02 18.42
N LYS B 6 16.05 4.97 19.24
CA LYS B 6 15.14 5.58 20.22
C LYS B 6 14.06 6.43 19.53
N LEU B 7 14.44 7.21 18.54
CA LEU B 7 13.47 8.05 17.83
C LEU B 7 12.37 7.20 17.19
N MET B 8 12.74 6.09 16.57
CA MET B 8 11.74 5.18 16.02
C MET B 8 10.90 4.46 17.10
N ALA B 9 11.51 4.06 18.22
CA ALA B 9 10.74 3.46 19.28
C ALA B 9 9.69 4.47 19.77
N ASP B 10 10.11 5.71 19.96
CA ASP B 10 9.19 6.74 20.45
C ASP B 10 8.09 7.01 19.42
N SER B 11 8.45 6.91 18.15
CA SER B 11 7.46 7.13 17.08
C SER B 11 6.39 6.04 17.08
N ILE B 12 6.81 4.79 17.24
CA ILE B 12 5.92 3.64 17.25
C ILE B 12 4.96 3.76 18.42
N ILE B 13 5.46 4.15 19.57
CA ILE B 13 4.64 4.28 20.75
C ILE B 13 3.63 5.40 20.56
N ALA B 14 4.11 6.58 20.15
CA ALA B 14 3.29 7.76 20.05
C ALA B 14 2.22 7.67 18.99
N LYS B 15 2.56 7.01 17.87
CA LYS B 15 1.63 6.88 16.74
C LYS B 15 0.67 5.71 16.91
N ASN B 16 0.80 4.98 18.01
CA ASN B 16 -0.16 3.93 18.36
C ASN B 16 -0.25 2.86 17.28
N ILE B 17 0.90 2.47 16.74
CA ILE B 17 0.97 1.39 15.76
C ILE B 17 0.42 0.14 16.40
N THR B 18 -0.46 -0.54 15.67
CA THR B 18 -1.13 -1.75 16.15
C THR B 18 -0.18 -2.92 16.28
N LEU B 19 -0.11 -3.48 17.49
CA LEU B 19 0.77 -4.63 17.77
C LEU B 19 0.04 -5.73 18.52
N THR B 20 -1.29 -5.66 18.54
CA THR B 20 -2.11 -6.47 19.44
C THR B 20 -3.33 -7.14 18.82
N ASP B 21 -3.49 -7.10 17.49
CA ASP B 21 -4.75 -7.56 16.93
C ASP B 21 -4.77 -9.04 16.54
N HIS B 22 -3.59 -9.67 16.57
CA HIS B 22 -3.44 -11.11 16.36
C HIS B 22 -2.02 -11.52 16.78
N TRP B 23 -1.80 -12.82 16.92
CA TRP B 23 -0.47 -13.34 17.29
C TRP B 23 0.44 -13.29 16.06
N GLY B 24 0.92 -12.10 15.77
CA GLY B 24 1.66 -11.82 14.54
C GLY B 24 3.15 -11.78 14.82
N TYR B 25 3.89 -12.55 14.03
CA TYR B 25 5.35 -12.58 14.19
C TYR B 25 5.99 -11.20 14.12
N GLU B 26 5.40 -10.29 13.38
CA GLU B 26 6.01 -8.98 13.15
C GLU B 26 5.87 -8.09 14.36
N TYR B 27 4.97 -8.48 15.27
CA TYR B 27 4.76 -7.74 16.49
C TYR B 27 5.87 -8.03 17.49
N GLY B 28 6.21 -9.29 17.67
CA GLY B 28 7.35 -9.61 18.51
C GLY B 28 8.64 -9.06 17.94
N LEU B 29 8.73 -9.05 16.62
CA LEU B 29 9.89 -8.50 15.93
C LEU B 29 10.08 -7.01 16.27
N THR B 30 8.99 -6.26 16.24
CA THR B 30 9.00 -4.86 16.56
C THR B 30 9.34 -4.67 18.04
N LEU B 31 8.76 -5.48 18.91
CA LEU B 31 9.07 -5.41 20.32
C LEU B 31 10.53 -5.78 20.60
N ASP B 32 11.10 -6.71 19.83
CA ASP B 32 12.50 -7.05 19.96
C ASP B 32 13.38 -5.80 19.70
N GLY B 33 13.02 -5.01 18.68
CA GLY B 33 13.66 -3.73 18.43
C GLY B 33 13.55 -2.76 19.60
N ILE B 34 12.34 -2.62 20.13
CA ILE B 34 12.13 -1.76 21.27
C ILE B 34 12.92 -2.25 22.49
N ALA B 35 13.07 -3.56 22.62
CA ALA B 35 13.85 -4.10 23.73
C ALA B 35 15.32 -3.68 23.67
N LYS B 36 15.85 -3.52 22.46
CA LYS B 36 17.24 -3.05 22.34
C LYS B 36 17.34 -1.60 22.84
N VAL B 37 16.28 -0.83 22.61
CA VAL B 37 16.25 0.55 23.09
C VAL B 37 16.20 0.57 24.62
N TYR B 38 15.41 -0.33 25.21
CA TYR B 38 15.40 -0.46 26.65
C TYR B 38 16.81 -0.80 27.17
N GLU B 39 17.48 -1.72 26.48
CA GLU B 39 18.81 -2.17 26.88
C GLU B 39 19.79 -1.00 27.03
N TRP B 40 19.82 -0.11 26.04
CA TRP B 40 20.80 0.98 26.11
C TRP B 40 20.32 2.24 26.86
N THR B 41 19.02 2.53 26.81
CA THR B 41 18.52 3.71 27.52
C THR B 41 18.34 3.42 29.01
N LYS B 42 18.12 2.16 29.34
CA LYS B 42 17.73 1.75 30.69
C LYS B 42 16.44 2.45 31.16
N ASP B 43 15.67 2.96 30.22
CA ASP B 43 14.45 3.67 30.53
C ASP B 43 13.29 2.69 30.59
N LYS B 44 12.73 2.56 31.78
CA LYS B 44 11.63 1.63 32.05
C LYS B 44 10.40 1.84 31.18
N LYS B 45 10.24 3.02 30.58
CA LYS B 45 9.06 3.20 29.74
C LYS B 45 9.04 2.23 28.55
N TYR B 46 10.20 1.82 28.07
CA TYR B 46 10.26 0.91 26.95
C TYR B 46 9.92 -0.51 27.38
N LEU B 47 10.47 -0.94 28.51
CA LEU B 47 10.10 -2.25 29.04
C LEU B 47 8.62 -2.30 29.37
N ASP B 48 8.09 -1.24 29.98
CA ASP B 48 6.69 -1.25 30.33
C ASP B 48 5.78 -1.34 29.10
N PHE B 49 6.17 -0.67 28.02
CA PHE B 49 5.41 -0.76 26.77
C PHE B 49 5.41 -2.19 26.21
N ILE B 50 6.55 -2.87 26.27
CA ILE B 50 6.61 -4.26 25.83
C ILE B 50 5.72 -5.16 26.70
N ILE B 51 5.81 -4.99 28.01
CA ILE B 51 4.98 -5.75 28.92
C ILE B 51 3.50 -5.50 28.66
N LYS B 52 3.14 -4.23 28.51
CA LYS B 52 1.74 -3.86 28.28
C LYS B 52 1.23 -4.45 26.98
N THR B 53 2.02 -4.38 25.92
CA THR B 53 1.63 -4.95 24.65
C THR B 53 1.43 -6.46 24.77
N MET B 54 2.36 -7.14 25.41
CA MET B 54 2.24 -8.60 25.51
C MET B 54 1.13 -9.02 26.46
N ASP B 55 0.61 -8.11 27.29
CA ASP B 55 -0.54 -8.45 28.15
C ASP B 55 -1.77 -8.87 27.33
N THR B 56 -1.87 -8.39 26.10
CA THR B 56 -2.95 -8.82 25.22
C THR B 56 -2.89 -10.33 25.01
N PHE B 57 -1.69 -10.87 24.95
CA PHE B 57 -1.45 -12.24 24.53
C PHE B 57 -1.20 -13.22 25.68
N ILE B 58 -0.48 -12.78 26.72
CA ILE B 58 0.02 -13.73 27.70
C ILE B 58 -0.84 -13.67 28.95
N ASN B 59 -1.60 -14.74 29.17
CA ASN B 59 -2.46 -14.84 30.33
C ASN B 59 -1.64 -15.26 31.53
N GLU B 60 -2.19 -15.07 32.72
CA GLU B 60 -1.44 -15.36 33.94
C GLU B 60 -1.07 -16.84 34.07
N ASP B 61 -1.81 -17.70 33.39
CA ASP B 61 -1.51 -19.14 33.44
C ASP B 61 -0.54 -19.59 32.36
N GLY B 62 -0.04 -18.63 31.58
CA GLY B 62 0.94 -18.89 30.54
C GLY B 62 0.35 -19.31 29.21
N THR B 63 -0.98 -19.41 29.13
CA THR B 63 -1.60 -19.64 27.83
C THR B 63 -1.52 -18.36 26.99
N ILE B 64 -1.54 -18.54 25.68
CA ILE B 64 -1.29 -17.47 24.72
C ILE B 64 -2.52 -17.26 23.84
N ASN B 65 -3.13 -16.08 23.95
CA ASN B 65 -4.29 -15.77 23.14
C ASN B 65 -3.95 -15.58 21.68
N GLY B 66 -4.61 -16.33 20.81
CA GLY B 66 -4.36 -16.21 19.39
C GLY B 66 -3.36 -17.22 18.86
N TYR B 67 -2.70 -17.96 19.74
CA TYR B 67 -1.73 -18.97 19.33
C TYR B 67 -2.39 -20.31 19.13
N LYS B 68 -2.04 -20.98 18.02
CA LYS B 68 -2.70 -22.21 17.62
C LYS B 68 -1.64 -23.28 17.30
N LEU B 69 -1.23 -24.02 18.33
CA LEU B 69 -0.11 -24.97 18.21
C LEU B 69 -0.40 -25.97 17.09
N GLU B 70 -1.64 -26.48 17.06
CA GLU B 70 -1.97 -27.60 16.16
C GLU B 70 -2.06 -27.20 14.68
N GLU B 71 -1.98 -25.90 14.41
CA GLU B 71 -1.82 -25.42 13.03
C GLU B 71 -0.43 -25.67 12.50
N TYR B 72 0.51 -25.86 13.41
CA TYR B 72 1.92 -26.00 13.06
C TYR B 72 2.33 -24.92 12.08
N ASN B 73 2.14 -23.68 12.52
CA ASN B 73 2.51 -22.50 11.78
C ASN B 73 3.89 -22.07 12.29
N ILE B 74 4.92 -22.10 11.45
CA ILE B 74 6.23 -21.74 11.94
C ILE B 74 6.27 -20.28 12.40
N ASP B 75 5.44 -19.44 11.78
CA ASP B 75 5.40 -18.02 12.11
C ASP B 75 5.01 -17.80 13.56
N HIS B 76 4.20 -18.70 14.11
CA HIS B 76 3.70 -18.55 15.48
C HIS B 76 4.77 -18.74 16.54
N LEU B 77 5.96 -19.14 16.14
CA LEU B 77 7.08 -19.26 17.07
C LEU B 77 7.90 -17.97 17.27
N ASN B 78 7.81 -17.03 16.34
CA ASN B 78 8.71 -15.90 16.40
C ASN B 78 8.58 -15.08 17.68
N ASN B 79 7.35 -14.91 18.12
CA ASN B 79 7.09 -14.09 19.29
C ASN B 79 7.62 -14.74 20.57
N GLY B 80 8.07 -15.98 20.49
CA GLY B 80 8.80 -16.56 21.59
C GLY B 80 10.06 -15.78 21.93
N LYS B 81 10.65 -15.10 20.94
CA LYS B 81 11.90 -14.41 21.21
C LYS B 81 11.68 -13.28 22.24
N ILE B 82 10.66 -12.47 22.05
CA ILE B 82 10.38 -11.42 23.04
C ILE B 82 9.99 -12.00 24.39
N LEU B 83 9.38 -13.17 24.40
CA LEU B 83 9.08 -13.85 25.65
C LEU B 83 10.33 -14.26 26.41
N ILE B 84 11.37 -14.70 25.70
CA ILE B 84 12.65 -14.99 26.37
C ILE B 84 13.16 -13.73 27.03
N THR B 85 13.11 -12.62 26.31
CA THR B 85 13.55 -11.35 26.85
C THR B 85 12.74 -10.97 28.10
N LEU B 86 11.44 -11.11 28.02
CA LEU B 86 10.59 -10.76 29.17
C LEU B 86 10.84 -11.70 30.35
N PHE B 87 11.03 -12.98 30.06
CA PHE B 87 11.35 -13.91 31.14
C PHE B 87 12.65 -13.52 31.83
N LYS B 88 13.67 -13.21 31.05
CA LYS B 88 14.96 -12.83 31.63
C LYS B 88 14.87 -11.52 32.43
N GLU B 89 14.09 -10.58 31.93
CA GLU B 89 13.96 -9.29 32.60
C GLU B 89 13.09 -9.32 33.84
N THR B 90 12.03 -10.15 33.86
CA THR B 90 11.05 -10.10 34.95
C THR B 90 11.02 -11.34 35.83
N GLY B 91 11.49 -12.46 35.30
CA GLY B 91 11.48 -13.71 36.03
C GLY B 91 10.09 -14.32 36.19
N LYS B 92 9.09 -13.76 35.51
CA LYS B 92 7.70 -14.18 35.79
C LYS B 92 7.37 -15.50 35.13
N GLU B 93 6.68 -16.36 35.85
CA GLU B 93 6.43 -17.70 35.36
C GLU B 93 5.49 -17.73 34.16
N LYS B 94 4.62 -16.73 34.00
CA LYS B 94 3.70 -16.77 32.88
C LYS B 94 4.46 -16.76 31.57
N TYR B 95 5.60 -16.08 31.55
CA TYR B 95 6.41 -16.04 30.33
C TYR B 95 7.12 -17.36 30.10
N ARG B 96 7.63 -17.95 31.18
CA ARG B 96 8.30 -19.23 31.06
C ARG B 96 7.32 -20.31 30.61
N LYS B 97 6.11 -20.29 31.15
CA LYS B 97 5.08 -21.26 30.75
C LYS B 97 4.63 -21.05 29.32
N ALA B 98 4.47 -19.80 28.90
CA ALA B 98 4.20 -19.53 27.49
C ALA B 98 5.31 -20.09 26.59
N LEU B 99 6.56 -19.94 27.04
CA LEU B 99 7.69 -20.48 26.30
C LEU B 99 7.66 -21.99 26.21
N ILE B 100 7.25 -22.65 27.30
CA ILE B 100 7.14 -24.09 27.29
C ILE B 100 6.07 -24.50 26.28
N ASN B 101 5.00 -23.73 26.22
CA ASN B 101 3.90 -24.04 25.29
C ASN B 101 4.38 -23.92 23.83
N LEU B 102 5.16 -22.89 23.51
CA LEU B 102 5.71 -22.77 22.16
C LEU B 102 6.71 -23.89 21.85
N ARG B 103 7.56 -24.20 22.82
CA ARG B 103 8.53 -25.25 22.62
C ARG B 103 7.87 -26.58 22.34
N LYS B 104 6.68 -26.81 22.89
CA LYS B 104 5.96 -28.04 22.61
C LYS B 104 5.63 -28.18 21.12
N GLN B 105 5.45 -27.07 20.40
CA GLN B 105 5.14 -27.17 19.00
C GLN B 105 6.28 -27.87 18.25
N ILE B 106 7.52 -27.56 18.66
CA ILE B 106 8.69 -28.12 17.98
C ILE B 106 8.76 -29.65 18.10
N ASP B 107 8.21 -30.22 19.18
CA ASP B 107 8.22 -31.66 19.36
C ASP B 107 7.73 -32.45 18.15
N ASN B 108 6.60 -32.05 17.56
CA ASN B 108 6.03 -32.81 16.45
C ASN B 108 5.66 -31.97 15.24
N HIS B 109 6.26 -30.78 15.15
CA HIS B 109 6.09 -29.96 13.96
C HIS B 109 6.56 -30.74 12.74
N PRO B 110 5.73 -30.81 11.69
CA PRO B 110 6.09 -31.66 10.55
C PRO B 110 7.31 -31.17 9.80
N ARG B 111 8.09 -32.13 9.31
CA ARG B 111 9.35 -31.82 8.66
C ARG B 111 9.46 -32.43 7.27
N THR B 112 10.31 -31.81 6.45
CA THR B 112 10.63 -32.38 5.14
C THR B 112 11.48 -33.63 5.29
N LYS B 113 11.79 -34.26 4.15
CA LYS B 113 12.58 -35.48 4.14
C LYS B 113 13.97 -35.28 4.76
N GLU B 114 14.50 -34.06 4.66
CA GLU B 114 15.81 -33.72 5.23
C GLU B 114 15.65 -32.98 6.55
N ASN B 115 14.48 -33.14 7.16
CA ASN B 115 14.23 -32.69 8.53
C ASN B 115 14.23 -31.17 8.77
N VAL B 116 13.75 -30.43 7.77
CA VAL B 116 13.51 -29.00 7.89
C VAL B 116 12.03 -28.80 8.19
N PHE B 117 11.71 -27.91 9.13
CA PHE B 117 10.31 -27.64 9.45
C PHE B 117 9.51 -27.23 8.20
N TRP B 118 8.32 -27.80 8.02
CA TRP B 118 7.41 -27.23 7.02
C TRP B 118 7.04 -25.82 7.43
N HIS B 119 6.83 -24.96 6.44
CA HIS B 119 6.45 -23.59 6.75
C HIS B 119 5.15 -23.52 7.58
N LYS B 120 4.15 -24.28 7.15
CA LYS B 120 2.89 -24.42 7.90
C LYS B 120 2.32 -25.79 7.51
N ASN B 121 1.40 -26.31 8.32
CA ASN B 121 0.71 -27.53 7.92
C ASN B 121 -0.05 -27.34 6.60
N ILE B 122 -0.57 -26.13 6.36
CA ILE B 122 -1.29 -25.85 5.10
C ILE B 122 -0.37 -25.67 3.87
N TYR B 123 0.93 -25.66 4.11
CA TYR B 123 1.97 -25.56 3.08
C TYR B 123 2.86 -26.77 3.18
N PRO B 124 2.27 -27.95 2.99
CA PRO B 124 3.03 -29.19 3.21
C PRO B 124 4.21 -29.30 2.26
N HIS B 125 5.31 -29.84 2.79
CA HIS B 125 6.55 -30.08 2.04
C HIS B 125 7.29 -28.83 1.65
N GLN B 126 6.91 -27.67 2.19
CA GLN B 126 7.47 -26.39 1.75
C GLN B 126 8.40 -25.78 2.77
N ILE B 127 9.52 -25.29 2.27
CA ILE B 127 10.44 -24.45 3.01
C ILE B 127 10.39 -23.05 2.41
N TRP B 128 9.99 -22.07 3.22
CA TRP B 128 10.05 -20.67 2.82
C TRP B 128 11.17 -20.00 3.62
N LEU B 129 11.94 -19.15 2.99
CA LEU B 129 13.05 -18.51 3.71
C LEU B 129 12.59 -17.85 5.00
N ASP B 130 11.40 -17.24 4.94
CA ASP B 130 10.86 -16.52 6.10
C ASP B 130 10.92 -17.37 7.34
N GLY B 131 10.62 -18.66 7.20
CA GLY B 131 10.50 -19.50 8.35
C GLY B 131 11.78 -19.79 9.13
N LEU B 132 12.93 -19.65 8.49
CA LEU B 132 14.20 -19.88 9.17
C LEU B 132 14.39 -18.84 10.26
N TYR B 133 13.85 -17.64 10.05
CA TYR B 133 13.92 -16.60 11.07
C TYR B 133 12.91 -16.85 12.18
N MET B 134 11.70 -17.28 11.82
CA MET B 134 10.62 -17.44 12.81
C MET B 134 10.81 -18.65 13.70
N GLY B 135 11.31 -19.74 13.12
CA GLY B 135 11.34 -21.04 13.78
C GLY B 135 12.72 -21.41 14.25
N ALA B 136 13.60 -21.76 13.33
CA ALA B 136 14.95 -22.21 13.69
C ALA B 136 15.69 -21.21 14.57
N THR B 137 15.55 -19.92 14.25
CA THR B 137 16.25 -18.88 15.00
C THR B 137 15.67 -18.74 16.42
N PHE B 138 14.35 -18.79 16.56
CA PHE B 138 13.74 -18.84 17.89
C PHE B 138 14.24 -20.06 18.65
N TYR B 139 14.27 -21.20 17.97
CA TYR B 139 14.68 -22.45 18.61
C TYR B 139 16.12 -22.33 19.13
N ALA B 140 16.98 -21.69 18.36
CA ALA B 140 18.35 -21.49 18.77
C ALA B 140 18.43 -20.64 20.03
N LYS B 141 17.67 -19.55 20.06
CA LYS B 141 17.65 -18.72 21.27
C LYS B 141 17.09 -19.46 22.47
N TYR B 142 16.09 -20.29 22.24
CA TYR B 142 15.50 -21.10 23.29
C TYR B 142 16.51 -22.10 23.85
N VAL B 143 17.22 -22.77 22.96
CA VAL B 143 18.18 -23.77 23.39
C VAL B 143 19.33 -23.15 24.18
N LYS B 144 19.77 -21.96 23.77
CA LYS B 144 20.84 -21.30 24.49
C LYS B 144 20.40 -21.09 25.93
N GLU B 145 19.14 -20.76 26.13
CA GLU B 145 18.69 -20.47 27.50
C GLU B 145 18.30 -21.69 28.31
N PHE B 146 17.66 -22.67 27.65
CA PHE B 146 16.97 -23.74 28.36
C PHE B 146 17.33 -25.15 27.90
N GLY B 147 18.02 -25.26 26.77
CA GLY B 147 17.93 -26.49 25.99
C GLY B 147 19.16 -27.33 26.15
N GLU B 148 19.24 -28.38 25.34
CA GLU B 148 20.39 -29.25 25.40
C GLU B 148 21.21 -28.98 24.17
N GLU B 149 22.53 -29.10 24.28
CA GLU B 149 23.41 -28.70 23.19
C GLU B 149 23.20 -29.46 21.91
N LYS B 150 22.80 -30.74 21.98
CA LYS B 150 22.57 -31.52 20.77
C LYS B 150 21.53 -30.87 19.88
N GLU B 151 20.62 -30.08 20.46
CA GLU B 151 19.55 -29.48 19.68
C GLU B 151 20.08 -28.45 18.68
N PHE B 152 21.24 -27.84 18.97
CA PHE B 152 21.81 -26.91 18.00
C PHE B 152 22.14 -27.62 16.67
N ASP B 153 22.43 -28.93 16.73
CA ASP B 153 22.77 -29.69 15.52
C ASP B 153 21.56 -29.72 14.57
N ASP B 154 20.37 -29.81 15.15
CA ASP B 154 19.10 -29.77 14.38
C ASP B 154 18.97 -28.42 13.65
N ILE B 155 19.11 -27.34 14.43
CA ILE B 155 19.02 -25.99 13.91
C ILE B 155 20.02 -25.74 12.79
N THR B 156 21.28 -26.09 13.00
CA THR B 156 22.27 -25.75 11.99
C THR B 156 22.02 -26.57 10.71
N HIS B 157 21.63 -27.83 10.88
CA HIS B 157 21.23 -28.66 9.74
C HIS B 157 20.15 -27.98 8.91
N GLN B 158 19.15 -27.40 9.55
CA GLN B 158 18.10 -26.75 8.80
C GLN B 158 18.61 -25.59 7.95
N PHE B 159 19.53 -24.78 8.49
CA PHE B 159 20.12 -23.71 7.73
C PHE B 159 20.88 -24.23 6.53
N ILE B 160 21.65 -25.29 6.73
CA ILE B 160 22.51 -25.83 5.70
C ILE B 160 21.70 -26.46 4.57
N ILE B 161 20.66 -27.20 4.94
CA ILE B 161 19.77 -27.81 3.95
C ILE B 161 18.98 -26.75 3.17
N THR B 162 18.60 -25.71 3.88
CA THR B 162 17.84 -24.63 3.23
C THR B 162 18.72 -23.97 2.19
N GLU B 163 19.98 -23.73 2.52
CA GLU B 163 20.84 -23.13 1.51
C GLU B 163 21.01 -24.06 0.31
N LYS B 164 21.24 -25.35 0.55
CA LYS B 164 21.41 -26.31 -0.51
C LYS B 164 20.21 -26.30 -1.46
N ASN B 165 19.02 -26.31 -0.89
CA ASN B 165 17.80 -26.48 -1.70
C ASN B 165 17.29 -25.21 -2.36
N LEU B 166 17.56 -24.03 -1.78
CA LEU B 166 16.98 -22.78 -2.26
C LEU B 166 17.91 -21.86 -3.01
N LYS B 167 19.20 -22.15 -3.01
CA LYS B 167 20.18 -21.30 -3.69
C LYS B 167 20.23 -21.47 -5.20
N ASP B 168 20.25 -20.32 -5.87
CA ASP B 168 20.47 -20.22 -7.29
C ASP B 168 21.94 -20.27 -7.55
N ASN B 169 22.37 -21.21 -8.37
CA ASN B 169 23.78 -21.35 -8.69
C ASN B 169 24.35 -20.15 -9.47
N LYS B 170 23.49 -19.45 -10.22
CA LYS B 170 23.97 -18.36 -11.07
C LYS B 170 24.33 -17.14 -10.23
N THR B 171 23.37 -16.65 -9.46
CA THR B 171 23.53 -15.43 -8.69
C THR B 171 24.01 -15.60 -7.25
N GLY B 172 23.80 -16.78 -6.67
CA GLY B 172 24.04 -16.98 -5.25
C GLY B 172 22.90 -16.53 -4.35
N LEU B 173 21.87 -15.93 -4.94
CA LEU B 173 20.69 -15.56 -4.16
C LEU B 173 19.83 -16.80 -3.90
N LEU B 174 18.95 -16.72 -2.91
CA LEU B 174 18.06 -17.80 -2.58
C LEU B 174 16.64 -17.40 -2.90
N TYR B 175 15.94 -18.32 -3.54
CA TYR B 175 14.55 -18.11 -3.92
C TYR B 175 13.67 -18.06 -2.67
N HIS B 176 12.51 -17.41 -2.80
CA HIS B 176 11.61 -17.23 -1.67
C HIS B 176 11.21 -18.57 -1.03
N ALA B 177 10.86 -19.57 -1.85
CA ALA B 177 10.33 -20.82 -1.33
C ALA B 177 10.65 -22.02 -2.22
N TYR B 178 10.47 -23.18 -1.62
CA TYR B 178 10.78 -24.48 -2.18
C TYR B 178 9.66 -25.44 -1.79
N ASP B 179 9.16 -26.19 -2.76
CA ASP B 179 8.20 -27.25 -2.50
C ASP B 179 8.86 -28.56 -2.89
N GLU B 180 9.25 -29.33 -1.89
CA GLU B 180 9.94 -30.59 -2.06
C GLU B 180 9.09 -31.59 -2.87
N SER B 181 7.77 -31.43 -2.81
CA SER B 181 6.86 -32.33 -3.55
C SER B 181 6.67 -31.90 -4.99
N LYS B 182 7.07 -30.66 -5.31
CA LYS B 182 6.93 -30.08 -6.64
C LYS B 182 5.49 -30.09 -7.16
N THR B 183 4.54 -30.01 -6.25
CA THR B 183 3.14 -30.01 -6.64
C THR B 183 2.51 -28.62 -6.72
N GLU B 184 3.08 -27.63 -6.04
CA GLU B 184 2.55 -26.27 -6.12
C GLU B 184 2.74 -25.75 -7.54
N PRO B 185 1.71 -25.11 -8.11
CA PRO B 185 1.85 -24.58 -9.48
C PRO B 185 2.97 -23.52 -9.62
N TRP B 186 3.34 -22.86 -8.53
CA TRP B 186 4.41 -21.86 -8.56
C TRP B 186 5.80 -22.47 -8.58
N SER B 187 5.88 -23.79 -8.37
CA SER B 187 7.18 -24.44 -8.15
C SER B 187 7.76 -25.00 -9.43
N ASN B 188 9.08 -24.87 -9.57
CA ASN B 188 9.76 -25.40 -10.73
C ASN B 188 9.61 -26.92 -10.77
N SER B 189 9.31 -27.46 -11.94
CA SER B 189 9.02 -28.87 -12.06
C SER B 189 10.20 -29.78 -11.72
N GLU B 190 11.44 -29.25 -11.74
CA GLU B 190 12.61 -30.01 -11.30
C GLU B 190 13.12 -29.63 -9.92
N THR B 191 13.28 -28.34 -9.68
CA THR B 191 13.91 -27.90 -8.44
C THR B 191 12.93 -27.62 -7.31
N GLY B 192 11.65 -27.49 -7.63
CA GLY B 192 10.66 -27.13 -6.60
C GLY B 192 10.70 -25.66 -6.22
N LEU B 193 11.51 -24.85 -6.88
CA LEU B 193 11.71 -23.48 -6.42
C LEU B 193 10.73 -22.49 -7.01
N SER B 194 10.46 -21.43 -6.26
CA SER B 194 9.63 -20.33 -6.73
C SER B 194 10.39 -19.47 -7.76
N PRO B 195 9.67 -18.55 -8.43
CA PRO B 195 10.28 -17.88 -9.60
C PRO B 195 11.29 -16.79 -9.30
N HIS B 196 11.17 -16.13 -8.15
CA HIS B 196 11.90 -14.90 -7.93
C HIS B 196 12.60 -14.75 -6.58
N PHE B 197 13.63 -13.90 -6.57
CA PHE B 197 14.29 -13.49 -5.34
C PHE B 197 13.57 -12.28 -4.74
N TRP B 198 12.87 -12.52 -3.65
CA TRP B 198 12.10 -11.48 -2.95
C TRP B 198 12.99 -10.89 -1.86
N GLY B 199 13.09 -9.57 -1.81
CA GLY B 199 13.99 -8.89 -0.88
C GLY B 199 13.76 -9.29 0.56
N ARG B 200 12.51 -9.21 1.03
CA ARG B 200 12.28 -9.55 2.43
C ARG B 200 12.63 -11.01 2.73
N ALA B 201 12.39 -11.93 1.82
CA ALA B 201 12.74 -13.33 2.08
C ALA B 201 14.24 -13.52 2.30
N MET B 202 15.06 -12.92 1.43
CA MET B 202 16.51 -12.97 1.67
C MET B 202 16.85 -12.27 2.97
N GLY B 203 16.18 -11.17 3.23
CA GLY B 203 16.37 -10.48 4.49
C GLY B 203 16.14 -11.40 5.70
N TRP B 204 15.05 -12.14 5.70
CA TRP B 204 14.76 -13.02 6.83
C TRP B 204 15.92 -14.01 7.02
N TYR B 205 16.40 -14.56 5.91
CA TYR B 205 17.43 -15.59 5.98
C TYR B 205 18.74 -15.03 6.51
N VAL B 206 19.14 -13.83 6.06
CA VAL B 206 20.39 -13.28 6.57
C VAL B 206 20.29 -12.82 8.03
N MET B 207 19.15 -12.30 8.44
CA MET B 207 18.97 -11.99 9.87
C MET B 207 19.04 -13.27 10.68
N ALA B 208 18.41 -14.30 10.15
CA ALA B 208 18.32 -15.59 10.83
C ALA B 208 19.73 -16.15 11.05
N LEU B 209 20.55 -16.07 10.03
CA LEU B 209 21.93 -16.52 10.13
C LEU B 209 22.69 -15.72 11.18
N ALA B 210 22.65 -14.38 11.11
CA ALA B 210 23.44 -13.59 12.05
C ALA B 210 23.00 -13.87 13.48
N ASP B 211 21.69 -13.94 13.69
CA ASP B 211 21.15 -14.15 15.03
C ASP B 211 21.36 -15.57 15.56
N THR B 212 21.39 -16.55 14.67
CA THR B 212 21.62 -17.93 15.09
C THR B 212 23.09 -18.13 15.38
N ILE B 213 23.97 -17.64 14.50
CA ILE B 213 25.40 -17.77 14.76
C ILE B 213 25.77 -17.20 16.11
N GLU B 214 25.17 -16.05 16.45
CA GLU B 214 25.47 -15.37 17.71
C GLU B 214 25.22 -16.22 18.94
N VAL B 215 24.23 -17.11 18.87
CA VAL B 215 23.88 -17.93 20.04
C VAL B 215 24.41 -19.36 19.96
N LEU B 216 25.06 -19.73 18.88
CA LEU B 216 25.66 -21.05 18.78
C LEU B 216 26.82 -21.18 19.75
N PRO B 217 27.03 -22.39 20.27
CA PRO B 217 28.26 -22.64 21.02
C PRO B 217 29.47 -22.21 20.19
N LYS B 218 30.49 -21.66 20.84
CA LYS B 218 31.56 -21.00 20.11
C LYS B 218 32.42 -21.94 19.27
N ASN B 219 32.36 -23.23 19.57
CA ASN B 219 33.09 -24.24 18.79
C ASN B 219 32.14 -25.24 18.14
N HIS B 220 30.90 -24.81 17.92
CA HIS B 220 29.93 -25.71 17.31
C HIS B 220 30.41 -26.18 15.95
N LYS B 221 30.19 -27.45 15.63
CA LYS B 221 30.77 -28.06 14.43
C LYS B 221 30.31 -27.39 13.13
N ASP B 222 29.15 -26.72 13.15
CA ASP B 222 28.59 -26.10 11.94
C ASP B 222 28.67 -24.57 11.98
N ARG B 223 29.30 -24.02 13.00
CA ARG B 223 29.39 -22.55 13.15
C ARG B 223 30.11 -21.90 11.96
N ASN B 224 31.27 -22.44 11.59
CA ASN B 224 31.97 -21.95 10.41
C ASN B 224 31.12 -22.10 9.14
N ALA B 225 30.38 -23.20 9.02
CA ALA B 225 29.54 -23.40 7.85
C ALA B 225 28.48 -22.31 7.71
N LEU B 226 27.84 -21.95 8.82
CA LEU B 226 26.82 -20.90 8.76
C LEU B 226 27.45 -19.54 8.49
N ILE B 227 28.65 -19.29 9.02
CA ILE B 227 29.35 -18.05 8.76
C ILE B 227 29.66 -17.96 7.26
N LYS B 228 30.06 -19.08 6.67
CA LYS B 228 30.34 -19.12 5.23
C LYS B 228 29.09 -18.86 4.41
N ILE B 229 27.98 -19.48 4.80
CA ILE B 229 26.70 -19.19 4.15
C ILE B 229 26.37 -17.70 4.23
N LEU B 230 26.52 -17.09 5.40
CA LEU B 230 26.26 -15.66 5.54
C LEU B 230 27.16 -14.84 4.62
N ASN B 231 28.45 -15.14 4.57
CA ASN B 231 29.33 -14.43 3.66
C ASN B 231 28.90 -14.56 2.19
N ASN B 232 28.51 -15.77 1.79
CA ASN B 232 28.10 -16.01 0.42
C ASN B 232 26.82 -15.24 0.07
N CYS B 233 25.89 -15.21 1.02
CA CYS B 233 24.64 -14.45 0.81
C CYS B 233 24.93 -12.96 0.67
N VAL B 234 25.83 -12.46 1.52
CA VAL B 234 26.22 -11.06 1.46
C VAL B 234 26.88 -10.72 0.14
N THR B 235 27.79 -11.55 -0.33
CA THR B 235 28.40 -11.34 -1.64
C THR B 235 27.34 -11.27 -2.73
N ALA B 236 26.37 -12.19 -2.66
CA ALA B 236 25.32 -12.26 -3.66
C ALA B 236 24.45 -11.00 -3.59
N LEU B 237 24.16 -10.54 -2.38
CA LEU B 237 23.30 -9.38 -2.22
C LEU B 237 24.02 -8.12 -2.65
N LEU B 238 25.31 -8.03 -2.40
CA LEU B 238 26.03 -6.81 -2.76
C LEU B 238 26.07 -6.65 -4.29
N LYS B 239 26.03 -7.77 -5.02
CA LYS B 239 26.01 -7.71 -6.48
C LYS B 239 24.77 -7.05 -7.04
N VAL B 240 23.67 -7.10 -6.27
CA VAL B 240 22.39 -6.57 -6.71
C VAL B 240 21.94 -5.33 -5.92
N GLN B 241 22.82 -4.82 -5.07
CA GLN B 241 22.55 -3.55 -4.40
C GLN B 241 22.39 -2.47 -5.46
N ASP B 242 21.43 -1.59 -5.27
CA ASP B 242 21.22 -0.48 -6.19
C ASP B 242 22.35 0.53 -6.02
N ASN B 243 23.04 0.86 -7.10
CA ASN B 243 24.21 1.71 -6.99
C ASN B 243 23.89 3.13 -6.52
N ALA B 244 22.79 3.70 -7.01
CA ALA B 244 22.46 5.07 -6.65
C ALA B 244 22.06 5.19 -5.18
N SER B 245 21.17 4.32 -4.73
CA SER B 245 20.54 4.48 -3.43
C SER B 245 21.23 3.72 -2.33
N LYS B 246 22.00 2.71 -2.72
CA LYS B 246 22.68 1.78 -1.81
C LYS B 246 21.72 0.86 -1.03
N VAL B 247 20.47 0.75 -1.46
CA VAL B 247 19.54 -0.19 -0.84
C VAL B 247 19.08 -1.23 -1.89
N TRP B 248 18.01 -1.97 -1.60
CA TRP B 248 17.62 -3.15 -2.37
C TRP B 248 16.17 -3.08 -2.86
N TYR B 249 15.93 -3.77 -3.96
CA TYR B 249 14.63 -3.84 -4.59
C TYR B 249 13.76 -4.97 -4.05
N GLN B 250 12.45 -4.80 -4.22
CA GLN B 250 11.45 -5.82 -3.90
C GLN B 250 11.76 -7.13 -4.62
N VAL B 251 12.02 -7.06 -5.92
CA VAL B 251 12.50 -8.21 -6.66
C VAL B 251 13.97 -7.93 -6.92
N LEU B 252 14.82 -8.63 -6.17
CA LEU B 252 16.20 -8.19 -5.94
C LEU B 252 17.06 -7.97 -7.17
N ASP B 253 16.93 -8.87 -8.13
CA ASP B 253 17.82 -8.90 -9.28
C ASP B 253 17.23 -8.24 -10.53
N GLU B 254 16.06 -7.62 -10.39
CA GLU B 254 15.35 -7.01 -11.53
C GLU B 254 15.15 -5.50 -11.38
N GLY B 255 16.18 -4.82 -10.89
CA GLY B 255 16.09 -3.39 -10.60
C GLY B 255 15.76 -2.51 -11.79
N GLU B 256 16.07 -2.95 -13.00
CA GLU B 256 15.78 -2.15 -14.18
C GLU B 256 14.39 -2.38 -14.72
N ARG B 257 13.63 -3.29 -14.11
CA ARG B 257 12.33 -3.66 -14.64
C ARG B 257 11.22 -2.76 -14.11
N LYS B 258 10.45 -2.22 -15.05
CA LYS B 258 9.39 -1.29 -14.73
C LYS B 258 8.41 -1.87 -13.73
N GLY B 259 8.11 -1.13 -12.66
CA GLY B 259 7.23 -1.56 -11.59
C GLY B 259 7.95 -1.97 -10.31
N ASN B 260 9.20 -2.39 -10.45
CA ASN B 260 10.00 -2.72 -9.28
C ASN B 260 10.25 -1.44 -8.47
N TYR B 261 10.61 -1.64 -7.21
CA TYR B 261 10.78 -0.52 -6.30
C TYR B 261 11.72 -0.89 -5.16
N LEU B 262 12.37 0.13 -4.62
CA LEU B 262 13.22 -0.04 -3.45
C LEU B 262 12.35 -0.29 -2.27
N GLU B 263 12.63 -1.37 -1.55
CA GLU B 263 11.73 -1.85 -0.53
C GLU B 263 12.40 -1.87 0.85
N ALA B 264 11.69 -1.33 1.83
CA ALA B 264 12.31 -0.98 3.12
C ALA B 264 12.55 -2.11 4.10
N SER B 265 11.66 -3.09 4.14
CA SER B 265 11.82 -4.13 5.13
C SER B 265 13.00 -5.04 4.75
N GLY B 266 13.03 -5.48 3.51
CA GLY B 266 14.16 -6.28 3.05
C GLY B 266 15.48 -5.53 3.17
N SER B 267 15.48 -4.28 2.75
CA SER B 267 16.70 -3.48 2.79
C SER B 267 17.17 -3.33 4.24
N SER B 268 16.25 -3.06 5.16
CA SER B 268 16.62 -2.92 6.57
C SER B 268 17.18 -4.18 7.15
N MET B 269 16.59 -5.31 6.78
CA MET B 269 17.08 -6.58 7.25
C MET B 269 18.47 -6.90 6.71
N ILE B 270 18.70 -6.60 5.43
CA ILE B 270 20.01 -6.85 4.82
C ILE B 270 21.08 -5.96 5.50
N VAL B 271 20.73 -4.71 5.76
CA VAL B 271 21.65 -3.79 6.43
C VAL B 271 21.93 -4.23 7.85
N TYR B 272 20.90 -4.70 8.56
CA TYR B 272 21.09 -5.29 9.87
C TYR B 272 22.14 -6.39 9.84
N ALA B 273 21.99 -7.33 8.91
CA ALA B 273 22.89 -8.47 8.85
C ALA B 273 24.31 -8.02 8.48
N LEU B 274 24.41 -7.04 7.59
CA LEU B 274 25.72 -6.48 7.25
C LEU B 274 26.39 -5.87 8.49
N LEU B 275 25.67 -5.03 9.20
CA LEU B 275 26.24 -4.35 10.37
C LEU B 275 26.60 -5.34 11.47
N LYS B 276 25.68 -6.24 11.79
CA LYS B 276 25.89 -7.21 12.84
C LYS B 276 27.01 -8.18 12.46
N GLY B 277 27.05 -8.62 11.22
CA GLY B 277 28.09 -9.52 10.80
C GLY B 277 29.47 -8.89 10.85
N VAL B 278 29.58 -7.62 10.45
CA VAL B 278 30.85 -6.91 10.61
C VAL B 278 31.17 -6.73 12.08
N ARG B 279 30.19 -6.29 12.86
CA ARG B 279 30.42 -6.05 14.29
C ARG B 279 30.95 -7.28 15.02
N LEU B 280 30.36 -8.44 14.73
CA LEU B 280 30.71 -9.67 15.41
C LEU B 280 31.84 -10.44 14.74
N GLY B 281 32.34 -9.90 13.63
CA GLY B 281 33.49 -10.51 12.96
C GLY B 281 33.16 -11.67 12.05
N TYR B 282 31.88 -11.87 11.74
CA TYR B 282 31.50 -12.91 10.77
C TYR B 282 31.84 -12.47 9.37
N LEU B 283 31.74 -11.16 9.12
CA LEU B 283 32.04 -10.58 7.83
C LEU B 283 33.32 -9.78 7.97
N PRO B 284 34.04 -9.63 6.85
CA PRO B 284 35.31 -8.91 6.95
C PRO B 284 35.16 -7.44 7.31
N GLU B 285 36.13 -6.91 8.04
CA GLU B 285 36.11 -5.51 8.46
C GLU B 285 36.10 -4.58 7.25
N SER B 286 36.57 -5.08 6.11
CA SER B 286 36.55 -4.31 4.87
C SER B 286 35.14 -3.94 4.37
N LEU B 287 34.10 -4.61 4.89
CA LEU B 287 32.73 -4.26 4.53
C LEU B 287 32.11 -3.24 5.47
N LYS B 288 32.87 -2.76 6.44
CA LYS B 288 32.33 -1.82 7.40
C LYS B 288 31.76 -0.55 6.74
N GLU B 289 32.54 0.09 5.87
CA GLU B 289 32.05 1.29 5.21
C GLU B 289 30.84 1.03 4.31
N THR B 290 30.85 -0.08 3.58
CA THR B 290 29.69 -0.51 2.81
C THR B 290 28.45 -0.61 3.68
N ALA B 291 28.58 -1.24 4.83
CA ALA B 291 27.44 -1.43 5.72
C ALA B 291 26.89 -0.09 6.22
N LYS B 292 27.78 0.81 6.60
CA LYS B 292 27.37 2.13 7.10
C LYS B 292 26.68 2.95 6.00
N GLU B 293 27.22 2.88 4.80
CA GLU B 293 26.66 3.61 3.66
C GLU B 293 25.25 3.12 3.34
N ALA B 294 25.03 1.81 3.42
CA ALA B 294 23.71 1.23 3.17
C ALA B 294 22.71 1.65 4.23
N TYR B 295 23.16 1.71 5.48
CA TYR B 295 22.30 2.19 6.55
C TYR B 295 21.84 3.63 6.29
N LYS B 296 22.77 4.47 5.86
CA LYS B 296 22.41 5.86 5.54
C LYS B 296 21.43 5.89 4.37
N GLY B 297 21.57 4.93 3.45
CA GLY B 297 20.62 4.77 2.37
C GLY B 297 19.21 4.51 2.88
N LEU B 298 19.08 3.70 3.91
CA LEU B 298 17.75 3.47 4.49
C LEU B 298 17.09 4.79 4.90
N ILE B 299 17.84 5.63 5.57
CA ILE B 299 17.31 6.90 6.04
C ILE B 299 16.90 7.75 4.84
N ASN B 300 17.80 7.87 3.88
CA ASN B 300 17.53 8.72 2.72
C ASN B 300 16.29 8.28 1.95
N GLU B 301 16.15 6.97 1.75
CA GLU B 301 15.12 6.46 0.87
C GLU B 301 13.77 6.26 1.55
N PHE B 302 13.78 5.93 2.84
CA PHE B 302 12.58 5.42 3.51
C PHE B 302 12.09 6.21 4.73
N ILE B 303 12.93 7.06 5.29
CA ILE B 303 12.52 7.79 6.49
C ILE B 303 12.06 9.21 6.16
N LEU B 304 10.88 9.58 6.66
CA LEU B 304 10.40 10.95 6.60
C LEU B 304 9.99 11.42 7.99
N GLU B 305 10.46 12.62 8.35
CA GLU B 305 10.11 13.23 9.62
C GLU B 305 8.71 13.84 9.54
N THR B 306 7.88 13.58 10.54
CA THR B 306 6.57 14.22 10.65
C THR B 306 6.65 15.53 11.46
N LYS B 307 5.56 16.29 11.46
CA LYS B 307 5.59 17.66 11.95
C LYS B 307 5.90 17.75 13.43
N ASP B 308 5.66 16.66 14.16
CA ASP B 308 5.93 16.61 15.59
C ASP B 308 7.36 16.19 15.94
N GLY B 309 8.20 16.00 14.93
CA GLY B 309 9.57 15.57 15.11
C GLY B 309 9.76 14.07 15.16
N LEU B 310 8.67 13.32 15.09
CA LEU B 310 8.75 11.87 15.02
C LEU B 310 9.02 11.45 13.58
N ILE B 311 9.11 10.14 13.31
CA ILE B 311 9.45 9.67 11.98
C ILE B 311 8.53 8.55 11.52
N ASN B 312 8.29 8.53 10.21
CA ASN B 312 7.65 7.42 9.53
C ASN B 312 8.69 6.61 8.74
N LEU B 313 8.46 5.31 8.64
CA LEU B 313 9.19 4.43 7.76
C LEU B 313 8.29 4.09 6.59
N ASN B 314 8.74 4.39 5.37
CA ASN B 314 7.94 4.24 4.17
C ASN B 314 8.41 3.08 3.30
N LYS B 315 7.57 2.70 2.33
CA LYS B 315 7.95 1.77 1.26
C LYS B 315 8.17 0.33 1.69
N ILE B 316 7.28 -0.13 2.55
CA ILE B 316 7.30 -1.49 3.06
C ILE B 316 6.28 -2.35 2.34
N CYS B 317 6.72 -3.47 1.80
CA CYS B 317 5.78 -4.44 1.25
C CYS B 317 4.92 -5.01 2.37
N TYR B 318 3.60 -4.84 2.29
CA TYR B 318 2.74 -5.27 3.39
C TYR B 318 2.77 -6.79 3.62
N VAL B 319 2.71 -7.55 2.55
CA VAL B 319 2.59 -8.99 2.66
C VAL B 319 2.96 -9.57 1.32
N ALA B 320 3.57 -10.76 1.32
CA ALA B 320 3.70 -11.56 0.12
C ALA B 320 3.81 -13.01 0.53
N GLY B 321 3.41 -13.88 -0.38
CA GLY B 321 3.46 -15.30 -0.14
C GLY B 321 3.20 -16.02 -1.45
N LEU B 322 3.15 -17.34 -1.37
CA LEU B 322 2.98 -18.19 -2.54
C LEU B 322 1.80 -19.12 -2.36
N GLY B 323 1.10 -19.41 -3.46
CA GLY B 323 0.03 -20.39 -3.43
C GLY B 323 -1.14 -19.91 -2.61
N GLY B 324 -1.81 -20.86 -1.96
CA GLY B 324 -3.03 -20.56 -1.27
C GLY B 324 -4.21 -20.44 -2.23
N LYS B 325 -5.38 -20.21 -1.68
CA LYS B 325 -6.60 -20.15 -2.49
C LYS B 325 -6.60 -19.01 -3.50
N ASP B 326 -5.82 -17.97 -3.25
CA ASP B 326 -5.71 -16.86 -4.21
C ASP B 326 -4.69 -17.19 -5.32
N LYS B 327 -4.07 -18.36 -5.26
CA LYS B 327 -3.22 -18.85 -6.34
C LYS B 327 -2.08 -17.87 -6.65
N ARG B 328 -1.42 -17.42 -5.60
CA ARG B 328 -0.30 -16.46 -5.72
C ARG B 328 0.80 -17.15 -6.50
N ASP B 329 1.16 -16.60 -7.65
CA ASP B 329 2.01 -17.36 -8.56
C ASP B 329 3.50 -17.05 -8.49
N GLY B 330 3.89 -16.08 -7.67
CA GLY B 330 5.28 -15.72 -7.52
C GLY B 330 5.89 -15.07 -8.73
N SER B 331 5.07 -14.64 -9.67
CA SER B 331 5.56 -13.88 -10.82
C SER B 331 5.99 -12.46 -10.40
N PHE B 332 6.72 -11.80 -11.30
CA PHE B 332 7.08 -10.40 -11.07
C PHE B 332 5.83 -9.55 -10.84
N ALA B 333 4.83 -9.71 -11.70
CA ALA B 333 3.56 -8.98 -11.55
C ALA B 333 2.92 -9.23 -10.18
N TYR B 334 2.94 -10.48 -9.72
CA TYR B 334 2.42 -10.82 -8.41
C TYR B 334 3.16 -10.03 -7.30
N TYR B 335 4.51 -10.04 -7.30
CA TYR B 335 5.24 -9.37 -6.24
C TYR B 335 5.03 -7.87 -6.27
N ILE B 336 4.85 -7.29 -7.46
CA ILE B 336 4.57 -5.86 -7.58
C ILE B 336 3.12 -5.53 -7.18
N SER B 337 2.22 -6.51 -7.22
CA SER B 337 0.81 -6.28 -6.93
C SER B 337 0.48 -6.05 -5.45
N GLU B 338 1.35 -6.48 -4.53
CA GLU B 338 1.01 -6.41 -3.12
C GLU B 338 1.17 -4.98 -2.62
N PRO B 339 0.43 -4.61 -1.57
CA PRO B 339 0.46 -3.21 -1.13
C PRO B 339 1.82 -2.78 -0.60
N ILE B 340 2.10 -1.49 -0.79
CA ILE B 340 3.27 -0.83 -0.25
C ILE B 340 2.76 0.17 0.79
N VAL B 341 3.24 0.02 2.03
CA VAL B 341 2.67 0.76 3.16
C VAL B 341 3.75 1.40 4.01
N SER B 342 3.33 2.30 4.90
CA SER B 342 4.22 2.90 5.90
C SER B 342 3.93 2.35 7.28
N ASN B 343 4.94 2.44 8.15
CA ASN B 343 4.79 2.16 9.58
C ASN B 343 4.15 0.80 9.84
N GLU B 344 4.62 -0.16 9.05
CA GLU B 344 4.24 -1.55 9.17
C GLU B 344 5.32 -2.29 9.96
N PRO B 345 4.92 -3.01 11.03
CA PRO B 345 5.90 -3.71 11.88
C PRO B 345 6.91 -4.60 11.14
N LYS B 346 6.55 -5.20 10.01
CA LYS B 346 7.51 -6.03 9.28
C LYS B 346 8.72 -5.23 8.80
N GLY B 347 8.55 -3.92 8.62
CA GLY B 347 9.64 -2.99 8.35
C GLY B 347 10.20 -2.28 9.59
N LEU B 348 9.31 -1.87 10.48
CA LEU B 348 9.70 -1.12 11.68
C LEU B 348 10.69 -1.89 12.55
N GLY B 349 10.40 -3.16 12.82
CA GLY B 349 11.28 -3.94 13.66
C GLY B 349 12.68 -4.05 13.08
N PRO B 350 12.80 -4.47 11.82
CA PRO B 350 14.14 -4.50 11.21
C PRO B 350 14.85 -3.15 11.19
N PHE B 351 14.11 -2.06 10.97
CA PHE B 351 14.77 -0.76 10.97
C PHE B 351 15.28 -0.41 12.36
N LEU B 352 14.49 -0.71 13.39
CA LEU B 352 14.90 -0.48 14.77
C LEU B 352 16.18 -1.27 15.05
N LEU B 353 16.20 -2.53 14.61
CA LEU B 353 17.32 -3.41 14.90
C LEU B 353 18.56 -2.98 14.15
N ALA B 354 18.38 -2.61 12.89
CA ALA B 354 19.52 -2.13 12.09
C ALA B 354 20.08 -0.85 12.71
N SER B 355 19.20 0.00 13.23
CA SER B 355 19.63 1.24 13.89
C SER B 355 20.45 0.94 15.13
N TYR B 356 20.00 -0.02 15.93
CA TYR B 356 20.77 -0.40 17.10
C TYR B 356 22.16 -0.91 16.71
N GLU B 357 22.24 -1.73 15.66
CA GLU B 357 23.52 -2.26 15.21
C GLU B 357 24.43 -1.16 14.69
N TYR B 358 23.85 -0.24 13.94
CA TYR B 358 24.63 0.90 13.41
C TYR B 358 25.22 1.72 14.54
N GLU B 359 24.37 2.08 15.50
CA GLU B 359 24.80 2.91 16.61
C GLU B 359 25.85 2.20 17.44
N THR B 360 25.66 0.90 17.65
CA THR B 360 26.62 0.10 18.42
C THR B 360 27.97 -0.03 17.70
N LEU B 361 27.92 -0.34 16.41
CA LEU B 361 29.11 -0.41 15.58
C LEU B 361 29.87 0.91 15.64
#